data_7XW2
#
_entry.id   7XW2
#
_cell.length_a   1.00
_cell.length_b   1.00
_cell.length_c   1.00
_cell.angle_alpha   90.00
_cell.angle_beta   90.00
_cell.angle_gamma   90.00
#
_symmetry.space_group_name_H-M   'P 1'
#
loop_
_entity.id
_entity.type
_entity.pdbx_description
1 polymer 'Endoribonuclease Dicer'
2 polymer 'RNA (73-MER)'
3 non-polymer 'CALCIUM ION'
#
loop_
_entity_poly.entity_id
_entity_poly.type
_entity_poly.pdbx_seq_one_letter_code
_entity_poly.pdbx_strand_id
1 'polypeptide(L)'
;MKSPALQPLSMAGLQLMTPASSPMGPFFGLPWQQEAIHDNIYTPRKYQVELLEAALDHNTIVCLNTGSGKTFIAVLLTKE
LSYQIRGDFSRNGKRTVFLVNSANQVAQQVSAVRTHSDLKVGEYSNLEVNASWTKERWNQEFTKHQVLIMTCYVALNVLK
NGYLSLSDINLLVFDECHLAILDHPYREIMKLCENCPSCPRILGLTASILNGKCDPEELEEKIQKLEKILKSNAETATDL
VVLDRYTSQPCEIVVDCGPFTDRSGLYERLLMELEEALNFINDCNISVHSKERDSTLISKQILSDCRAVLVVLGPWCADK
VAGMMVRELQKYIKHEQEELHRKFLLFTDTFLRKIHALCEEHFSPASLDLKFVTPKVIKLLEILRKYKPYERQQFESVEW
YNNRNQDNYVSWSDSEDDDEDEEIEEKEKPETNFPSPFTNILCGIIFVERRYTAVVLNRLIKEAGKQDPELAYISSNFIT
GHGIGKNQPRNKQMEAEFRKQEEVLRKFRAHETNLLIATSIVEEGVDIPKCNLVVRFDLPTEYRSYVQSKGRARAPISNY
IMLADTDKIKSFEEDLKTYKAIEKILRNKCSKSVDTGETDIDPVMDDDDVFPPYVLRPDDGGPRVTINTAIGHINRYCAR
LPSDPFTHLAPKCRTRELPDGTFYSTLYLPINSPLRASIVGPPMSCVRLAERVVALICCEKLHKIGELDDHLMPVGKETV
KYEEELDLHDEEETSVPGRPGSTKRRQCYPKAIPECLRDSYPRPDQPCYLYVIGMVLTTPLPDELNFRRRKLYPPEDTTR
CFGILTAKPIPQIPHFPVYTRSGEVTISIELKKSGFMLSLQMLELITRLHQYIFSHILRLEKPALEFKPTDADSAYCVLP
LNVVNDSSTLDIDFKFMEDIEKSEARIGIPSTKYTKETPFVFKLEDYQDAVIIPRYRNFDQPHRFYVADVYTDLTPLSKF
PSPEYETFAEYYKTKYNLDLTNLNQPLLDVDHTSSRLNLLTPRHLNQKGKALPLSSAEKRKAKWESLQNKQILVPELCAI
HPIPASLWRKAVCLPSILYRLHCLLTAEELRAQTASDAGVGVRSLPADFRYPNLDFGWKKSIDSKSFISISNSSSAENDN
YCKHSTIVPENAAHQGANRTSSLENHDQMSVNCRTLLSESPGKLHVEVSADLTAINGLSYNQNLANGSYDLANRDFCQGN
QLNYYKQEIPVQPTTSYSIQNLYSYENQPQPSDECTLLSNKYLDGNANKSTSDGSPVMAVMPGTTDTIQVLKGRMDSEQS
PSIGYSSRTLGPNPGLILQALTLSNASDGFNLERLEMLGDSFLKHAITTYLFCTYPDAHEGRLSYMRSKKVSNCNLYRLG
KKKGLPSRMVVSIFDPPVNWLPPGYVVNQDKSNTDKWEKDEMTKDCMLANGKLDEDYEEEDEEEESLMWRAPKEEADYED
DFLEYDQEHIRFIDNMLMGSGAFVKKISLSPFSTTDSAYEWKMPKKSSLGSMPFSSDFEDFDYSSWDAMCYLDPSKAVEE
DDFVVGFWNPSEENCGVDTGKQSISYDLHTEQCIADKSIADCVEALLGCYLTSCGERAAQLFLCSLGLKVLPVIKRTDRE
KALCPTRENFNSQQKNLSVSCAAASVASSRSSVLKDSEYGCLKIPPRCMFDHPDADKTLNHLISGFENFEKKINYRFKNK
AYLLQAFTHASYHYNTITDCYQRLEFLGDAILDYLITKHLYEDPRQHSPGVLTDLRSALVNNTIFASLAVKYDYHKYFKA
VSPELFHVIDDFVQFQLEKNEMQGMDSELRRSEEDEEKEEDIEVPKAMGDIFESLAGAIYMDSGMSLETVWQVYYPMMRP
LIEKFSANVPRSPVRELLEMEPETAKFSPAERTYDGKVRVTVEVVGKGKFKGVGRSYRIAKSAAARRALRSLKANQPQVP
NS
;
A
2 'polyribonucleotide' UGAGGUAGUAGGUUGUAUCGCUUUAGGGUCACACCCACCACUGGGAGAUAGCCAUACAAUCUACUGUCUUUCU C
#
# COMPACT_ATOMS: atom_id res chain seq x y z
N ARG A 739 18.92 7.75 19.11
CA ARG A 739 19.23 8.62 17.94
C ARG A 739 17.93 9.19 17.42
N PRO A 740 17.83 10.48 17.05
CA PRO A 740 16.54 11.07 16.71
C PRO A 740 15.74 10.46 15.55
N GLY A 741 16.36 10.08 14.44
CA GLY A 741 15.56 9.55 13.31
C GLY A 741 15.84 8.09 13.12
N SER A 742 16.48 7.48 14.11
CA SER A 742 16.91 6.08 13.95
C SER A 742 15.69 5.17 13.83
N THR A 743 15.85 4.06 13.12
CA THR A 743 14.75 3.06 13.05
C THR A 743 14.50 2.55 14.46
N LYS A 744 15.55 2.42 15.28
CA LYS A 744 15.45 1.86 16.65
C LYS A 744 14.60 2.71 17.60
N ARG A 745 14.56 4.04 17.48
CA ARG A 745 13.87 4.84 18.52
C ARG A 745 12.35 4.75 18.36
N ARG A 746 11.73 3.63 18.78
CA ARG A 746 10.24 3.46 18.74
C ARG A 746 9.59 4.28 19.85
N GLN A 747 8.43 4.88 19.61
CA GLN A 747 7.69 5.66 20.63
C GLN A 747 6.21 5.21 20.55
N CYS A 748 5.37 5.52 21.54
CA CYS A 748 3.97 5.00 21.56
C CYS A 748 2.97 6.03 21.07
N TYR A 749 2.05 5.63 20.20
CA TYR A 749 1.10 6.58 19.56
C TYR A 749 -0.34 6.04 19.56
N PRO A 750 -1.39 6.84 19.94
CA PRO A 750 -2.77 6.39 19.94
C PRO A 750 -3.33 6.34 18.51
N LYS A 751 -4.60 5.94 18.43
CA LYS A 751 -5.31 5.83 17.16
C LYS A 751 -6.35 6.94 17.08
N ALA A 752 -6.22 7.82 16.09
CA ALA A 752 -7.16 8.91 15.92
C ALA A 752 -8.54 8.38 15.50
N ILE A 753 -9.57 9.20 15.73
CA ILE A 753 -10.96 8.78 15.40
C ILE A 753 -11.45 9.67 14.26
N PRO A 754 -11.98 9.11 13.15
CA PRO A 754 -12.52 9.94 12.08
C PRO A 754 -13.52 10.89 12.74
N GLU A 755 -13.47 12.18 12.43
CA GLU A 755 -14.33 13.18 13.15
C GLU A 755 -15.82 12.90 12.99
N CYS A 756 -16.26 12.46 11.80
CA CYS A 756 -17.69 12.17 11.54
C CYS A 756 -18.17 11.02 12.43
N LEU A 757 -17.31 10.05 12.73
CA LEU A 757 -17.71 8.84 13.50
C LEU A 757 -17.56 9.03 15.02
N ARG A 758 -17.41 10.27 15.50
CA ARG A 758 -17.31 10.55 16.96
C ARG A 758 -18.48 11.43 17.41
N ASP A 759 -18.96 11.30 18.66
CA ASP A 759 -20.18 12.03 19.12
C ASP A 759 -21.25 11.74 18.07
N SER A 760 -21.64 10.48 17.94
CA SER A 760 -22.47 10.08 16.82
C SER A 760 -23.59 9.14 17.24
N TYR A 761 -24.02 9.24 18.48
CA TYR A 761 -25.07 8.35 18.97
C TYR A 761 -26.43 8.91 18.62
N PRO A 762 -27.33 8.12 18.02
CA PRO A 762 -28.70 8.61 17.81
C PRO A 762 -29.37 8.87 19.15
N ARG A 763 -30.17 9.93 19.19
CA ARG A 763 -30.82 10.38 20.41
C ARG A 763 -32.31 10.54 20.15
N PRO A 764 -33.14 10.41 21.19
CA PRO A 764 -34.58 10.64 21.00
C PRO A 764 -34.86 12.10 20.69
N ASP A 765 -35.74 12.32 19.71
CA ASP A 765 -36.01 13.64 19.15
C ASP A 765 -34.70 14.31 18.74
N GLN A 766 -33.97 13.59 17.88
CA GLN A 766 -32.74 14.05 17.27
C GLN A 766 -32.69 13.44 15.88
N PRO A 767 -32.47 14.25 14.84
CA PRO A 767 -32.52 13.73 13.46
C PRO A 767 -31.44 12.70 13.22
N CYS A 768 -31.78 11.69 12.42
CA CYS A 768 -30.84 10.65 12.03
C CYS A 768 -30.50 10.80 10.55
N TYR A 769 -29.53 10.01 10.11
CA TYR A 769 -29.12 9.97 8.70
C TYR A 769 -28.96 8.50 8.33
N LEU A 770 -30.03 7.90 7.83
CA LEU A 770 -29.98 6.50 7.45
C LEU A 770 -29.15 6.35 6.19
N TYR A 771 -28.16 5.48 6.22
CA TYR A 771 -27.35 5.15 5.07
C TYR A 771 -27.64 3.71 4.66
N VAL A 772 -26.93 3.24 3.63
CA VAL A 772 -27.00 1.86 3.20
C VAL A 772 -25.61 1.43 2.78
N ILE A 773 -25.20 0.24 3.21
CA ILE A 773 -23.85 -0.22 2.87
C ILE A 773 -23.71 -0.39 1.36
N GLY A 774 -24.80 -0.74 0.69
CA GLY A 774 -24.78 -0.78 -0.76
C GLY A 774 -23.92 -1.86 -1.36
N MET A 775 -24.00 -3.08 -0.85
CA MET A 775 -23.25 -4.18 -1.44
C MET A 775 -23.82 -4.51 -2.82
N VAL A 776 -22.93 -4.65 -3.80
CA VAL A 776 -23.31 -5.14 -5.13
C VAL A 776 -22.16 -5.94 -5.70
N LEU A 777 -22.40 -7.21 -6.01
CA LEU A 777 -21.34 -8.12 -6.43
C LEU A 777 -21.02 -7.83 -7.89
N THR A 778 -20.04 -6.95 -8.10
CA THR A 778 -19.64 -6.53 -9.44
C THR A 778 -18.33 -7.16 -9.86
N THR A 779 -17.96 -8.29 -9.26
CA THR A 779 -16.82 -9.08 -9.70
C THR A 779 -16.96 -10.49 -9.14
N PRO A 780 -17.81 -11.32 -9.72
CA PRO A 780 -18.00 -12.68 -9.19
C PRO A 780 -16.72 -13.49 -9.16
N LEU A 781 -16.72 -14.57 -8.42
CA LEU A 781 -15.49 -15.34 -8.62
C LEU A 781 -15.71 -16.37 -9.72
N PRO A 782 -14.67 -16.62 -10.53
CA PRO A 782 -14.80 -17.62 -11.59
C PRO A 782 -14.79 -19.03 -11.04
N ASP A 783 -15.40 -19.95 -11.79
CA ASP A 783 -15.36 -21.37 -11.46
C ASP A 783 -14.06 -22.02 -11.93
N GLU A 784 -13.23 -21.28 -12.66
CA GLU A 784 -11.84 -21.63 -12.87
C GLU A 784 -10.95 -21.08 -11.77
N LEU A 785 -11.56 -20.47 -10.75
CA LEU A 785 -10.85 -20.00 -9.57
C LEU A 785 -11.52 -20.40 -8.25
N ASN A 786 -12.79 -20.82 -8.27
CA ASN A 786 -13.49 -21.28 -7.08
C ASN A 786 -13.68 -22.78 -7.17
N PHE A 787 -13.22 -23.50 -6.15
CA PHE A 787 -13.44 -24.93 -6.09
C PHE A 787 -14.11 -25.32 -4.78
N ARG A 788 -14.83 -24.38 -4.15
CA ARG A 788 -15.61 -24.69 -2.97
C ARG A 788 -16.69 -25.71 -3.28
N ARG A 789 -17.16 -25.74 -4.53
CA ARG A 789 -18.26 -26.58 -4.97
C ARG A 789 -19.55 -26.06 -4.35
N ARG A 790 -19.62 -24.73 -4.18
CA ARG A 790 -20.71 -24.09 -3.46
C ARG A 790 -21.23 -22.91 -4.26
N LYS A 791 -22.54 -22.70 -4.20
CA LYS A 791 -23.19 -21.65 -4.97
C LYS A 791 -22.69 -20.27 -4.58
N LEU A 792 -22.79 -19.33 -5.52
CA LEU A 792 -22.46 -17.94 -5.27
C LEU A 792 -23.70 -17.17 -4.88
N TYR A 793 -23.60 -16.33 -3.84
CA TYR A 793 -24.73 -15.57 -3.31
C TYR A 793 -24.55 -14.08 -3.54
N PRO A 794 -25.17 -13.50 -4.56
CA PRO A 794 -25.08 -12.06 -4.75
C PRO A 794 -25.85 -11.32 -3.66
N PRO A 795 -25.36 -10.16 -3.24
CA PRO A 795 -26.12 -9.33 -2.29
C PRO A 795 -27.36 -8.69 -2.90
N GLU A 796 -27.71 -9.05 -4.13
CA GLU A 796 -28.89 -8.49 -4.77
C GLU A 796 -30.05 -9.47 -4.87
N ASP A 797 -29.86 -10.72 -4.47
CA ASP A 797 -30.96 -11.68 -4.49
C ASP A 797 -32.06 -11.28 -3.52
N THR A 798 -31.71 -10.60 -2.43
CA THR A 798 -32.64 -10.23 -1.38
C THR A 798 -32.67 -8.71 -1.23
N THR A 799 -33.51 -8.23 -0.31
CA THR A 799 -33.84 -6.81 -0.30
C THR A 799 -33.64 -6.17 1.08
N ARG A 800 -33.27 -6.92 2.10
CA ARG A 800 -32.98 -6.36 3.42
C ARG A 800 -31.47 -6.18 3.56
N CYS A 801 -31.06 -4.99 4.00
CA CYS A 801 -29.65 -4.62 4.00
C CYS A 801 -29.33 -3.77 5.21
N PHE A 802 -28.06 -3.76 5.61
CA PHE A 802 -27.67 -3.03 6.80
C PHE A 802 -27.50 -1.55 6.53
N GLY A 803 -27.90 -0.74 7.50
CA GLY A 803 -27.81 0.70 7.39
C GLY A 803 -27.28 1.33 8.64
N ILE A 804 -26.22 2.11 8.50
CA ILE A 804 -25.72 2.94 9.56
C ILE A 804 -26.79 3.95 9.96
N LEU A 805 -26.77 4.40 11.22
CA LEU A 805 -27.69 5.41 11.69
C LEU A 805 -26.96 6.50 12.47
N THR A 806 -25.84 6.99 11.95
CA THR A 806 -25.14 8.06 12.64
C THR A 806 -26.05 9.26 12.84
N ALA A 807 -25.79 9.98 13.92
CA ALA A 807 -26.39 11.30 14.10
C ALA A 807 -25.66 12.38 13.32
N LYS A 808 -24.55 12.03 12.68
CA LYS A 808 -23.72 12.92 11.90
C LYS A 808 -23.71 12.49 10.44
N PRO A 809 -23.68 13.44 9.50
CA PRO A 809 -23.63 13.07 8.08
C PRO A 809 -22.26 12.54 7.70
N ILE A 810 -22.26 11.42 6.99
CA ILE A 810 -21.02 10.81 6.49
C ILE A 810 -20.72 11.41 5.12
N PRO A 811 -19.50 11.87 4.87
CA PRO A 811 -19.15 12.31 3.52
C PRO A 811 -18.89 11.11 2.61
N GLN A 812 -19.49 11.14 1.42
CA GLN A 812 -19.34 10.09 0.43
C GLN A 812 -17.89 9.67 0.23
N ILE A 813 -17.65 8.37 0.17
CA ILE A 813 -16.31 7.81 0.07
C ILE A 813 -16.20 7.08 -1.27
N PRO A 814 -15.04 7.04 -1.89
CA PRO A 814 -14.85 6.21 -3.09
C PRO A 814 -15.34 4.78 -2.91
N HIS A 815 -15.94 4.23 -3.96
CA HIS A 815 -16.37 2.83 -3.95
C HIS A 815 -15.17 1.92 -3.72
N PHE A 816 -15.14 1.22 -2.59
CA PHE A 816 -14.04 0.32 -2.28
C PHE A 816 -14.51 -1.12 -2.27
N PRO A 817 -13.63 -2.07 -2.52
CA PRO A 817 -14.05 -3.47 -2.51
C PRO A 817 -13.86 -4.15 -1.16
N VAL A 818 -14.59 -5.25 -0.94
CA VAL A 818 -14.28 -6.20 0.11
C VAL A 818 -14.34 -7.59 -0.51
N TYR A 819 -13.55 -8.51 0.02
CA TYR A 819 -13.30 -9.79 -0.63
C TYR A 819 -13.96 -10.89 0.19
N THR A 820 -15.25 -11.10 -0.07
CA THR A 820 -16.06 -12.05 0.67
C THR A 820 -15.90 -13.43 0.05
N ARG A 821 -16.76 -14.36 0.45
CA ARG A 821 -16.71 -15.71 -0.08
C ARG A 821 -17.13 -15.76 -1.54
N SER A 822 -17.93 -14.78 -1.98
CA SER A 822 -18.55 -14.78 -3.29
C SER A 822 -17.91 -13.80 -4.26
N GLY A 823 -16.79 -13.19 -3.90
CA GLY A 823 -16.03 -12.37 -4.83
C GLY A 823 -16.00 -10.92 -4.42
N GLU A 824 -15.19 -10.17 -5.16
CA GLU A 824 -14.98 -8.75 -4.92
C GLU A 824 -16.30 -8.00 -4.95
N VAL A 825 -16.74 -7.51 -3.80
CA VAL A 825 -18.00 -6.80 -3.69
C VAL A 825 -17.69 -5.32 -3.56
N THR A 826 -18.20 -4.52 -4.49
CA THR A 826 -18.00 -3.07 -4.46
C THR A 826 -18.99 -2.47 -3.49
N ILE A 827 -18.51 -1.97 -2.36
CA ILE A 827 -19.33 -1.42 -1.30
C ILE A 827 -19.49 0.07 -1.56
N SER A 828 -20.70 0.59 -1.38
CA SER A 828 -20.95 2.01 -1.59
C SER A 828 -21.87 2.53 -0.50
N ILE A 829 -21.35 3.43 0.33
CA ILE A 829 -22.09 3.99 1.46
C ILE A 829 -22.74 5.26 0.93
N GLU A 830 -23.96 5.13 0.43
CA GLU A 830 -24.66 6.23 -0.20
C GLU A 830 -26.00 6.44 0.49
N LEU A 831 -26.30 7.69 0.83
CA LEU A 831 -27.45 8.03 1.65
C LEU A 831 -28.73 7.46 1.04
N LYS A 832 -29.61 6.97 1.90
CA LYS A 832 -30.89 6.40 1.49
C LYS A 832 -32.07 7.26 1.92
N LYS A 833 -32.07 7.77 3.15
CA LYS A 833 -33.03 8.78 3.56
C LYS A 833 -32.42 9.56 4.73
N SER A 834 -33.07 10.66 5.08
CA SER A 834 -32.50 11.57 6.07
C SER A 834 -33.60 12.39 6.71
N GLY A 835 -33.22 13.10 7.77
CA GLY A 835 -34.09 14.05 8.43
C GLY A 835 -35.40 13.48 8.94
N PHE A 836 -35.33 12.37 9.69
CA PHE A 836 -36.50 11.81 10.33
C PHE A 836 -36.23 11.58 11.80
N MET A 837 -37.29 11.57 12.60
CA MET A 837 -37.20 11.52 14.05
C MET A 837 -37.74 10.19 14.55
N LEU A 838 -37.06 9.62 15.53
CA LEU A 838 -37.47 8.37 16.16
C LEU A 838 -38.00 8.60 17.56
N SER A 839 -38.78 7.64 18.05
CA SER A 839 -39.30 7.65 19.40
C SER A 839 -38.39 6.83 20.32
N LEU A 840 -38.70 6.89 21.63
CA LEU A 840 -37.84 6.23 22.60
C LEU A 840 -37.85 4.72 22.42
N GLN A 841 -39.03 4.11 22.51
CA GLN A 841 -39.13 2.65 22.52
C GLN A 841 -38.42 2.02 21.33
N MET A 842 -38.74 2.49 20.12
CA MET A 842 -38.12 1.94 18.93
C MET A 842 -36.62 2.17 18.94
N LEU A 843 -36.17 3.28 19.52
CA LEU A 843 -34.74 3.58 19.53
C LEU A 843 -34.00 2.66 20.50
N GLU A 844 -34.60 2.36 21.66
CA GLU A 844 -34.01 1.37 22.55
C GLU A 844 -34.04 -0.02 21.94
N LEU A 845 -35.05 -0.32 21.13
CA LEU A 845 -35.05 -1.56 20.35
C LEU A 845 -33.88 -1.60 19.39
N ILE A 846 -33.63 -0.49 18.69
CA ILE A 846 -32.50 -0.40 17.79
C ILE A 846 -31.19 -0.66 18.53
N THR A 847 -31.03 0.00 19.69
CA THR A 847 -29.81 -0.13 20.47
C THR A 847 -29.61 -1.55 20.97
N ARG A 848 -30.70 -2.20 21.40
CA ARG A 848 -30.58 -3.59 21.85
C ARG A 848 -30.22 -4.50 20.70
N LEU A 849 -30.72 -4.23 19.49
CA LEU A 849 -30.30 -5.04 18.36
C LEU A 849 -28.84 -4.78 18.00
N HIS A 850 -28.37 -3.55 18.17
CA HIS A 850 -26.97 -3.24 17.94
C HIS A 850 -26.06 -4.02 18.89
N GLN A 851 -26.43 -4.06 20.17
CA GLN A 851 -25.73 -4.92 21.13
C GLN A 851 -25.80 -6.38 20.72
N TYR A 852 -26.98 -6.84 20.32
CA TYR A 852 -27.13 -8.24 19.90
C TYR A 852 -26.24 -8.56 18.70
N ILE A 853 -26.05 -7.59 17.81
CA ILE A 853 -25.26 -7.82 16.62
C ILE A 853 -23.79 -7.94 16.98
N PHE A 854 -23.24 -6.96 17.70
CA PHE A 854 -21.80 -7.01 17.92
C PHE A 854 -21.41 -7.95 19.04
N SER A 855 -22.18 -7.99 20.12
CA SER A 855 -21.91 -8.94 21.20
C SER A 855 -22.26 -10.37 20.80
N HIS A 856 -23.53 -10.62 20.44
CA HIS A 856 -24.01 -11.98 20.27
C HIS A 856 -23.72 -12.56 18.88
N ILE A 857 -23.91 -11.75 17.83
CA ILE A 857 -23.74 -12.27 16.47
C ILE A 857 -22.26 -12.39 16.12
N LEU A 858 -21.53 -11.27 16.22
CA LEU A 858 -20.15 -11.25 15.76
C LEU A 858 -19.15 -11.78 16.79
N ARG A 859 -19.57 -11.94 18.04
CA ARG A 859 -18.72 -12.47 19.11
C ARG A 859 -17.52 -11.56 19.38
N LEU A 860 -17.76 -10.26 19.44
CA LEU A 860 -16.71 -9.30 19.76
C LEU A 860 -16.77 -8.88 21.22
N GLU A 861 -17.48 -9.64 22.04
CA GLU A 861 -17.55 -9.32 23.50
C GLU A 861 -16.40 -10.01 24.23
N LYS A 862 -15.67 -9.27 25.05
CA LYS A 862 -14.51 -9.83 25.80
C LYS A 862 -14.67 -9.38 27.25
N PRO A 863 -14.06 -10.02 28.27
CA PRO A 863 -14.24 -9.54 29.64
C PRO A 863 -13.76 -8.08 29.73
N ALA A 864 -12.67 -7.76 29.04
CA ALA A 864 -12.10 -6.39 29.08
C ALA A 864 -13.07 -5.34 28.56
N LEU A 865 -13.87 -5.68 27.54
CA LEU A 865 -14.75 -4.67 26.88
C LEU A 865 -16.15 -4.65 27.48
N GLU A 866 -16.68 -3.46 27.72
CA GLU A 866 -18.06 -3.32 28.24
C GLU A 866 -18.84 -2.39 27.30
N PHE A 867 -20.08 -2.76 26.94
CA PHE A 867 -20.87 -1.95 26.03
C PHE A 867 -21.42 -0.75 26.80
N LYS A 868 -20.92 0.43 26.47
CA LYS A 868 -21.49 1.65 26.97
C LYS A 868 -21.51 2.61 25.79
N PRO A 869 -22.68 2.95 25.28
CA PRO A 869 -22.75 3.77 24.07
C PRO A 869 -22.82 5.24 24.42
N THR A 870 -22.62 5.55 25.69
CA THR A 870 -22.62 6.93 26.15
C THR A 870 -21.25 7.44 26.56
N ASP A 871 -20.30 6.55 26.86
CA ASP A 871 -18.91 6.93 27.07
C ASP A 871 -17.99 6.49 25.93
N ALA A 872 -18.47 5.61 25.05
CA ALA A 872 -17.68 5.15 23.91
C ALA A 872 -17.22 6.33 23.06
N ASP A 873 -16.15 6.11 22.31
CA ASP A 873 -15.55 7.17 21.50
C ASP A 873 -16.00 7.13 20.04
N SER A 874 -16.50 5.99 19.57
CA SER A 874 -17.15 5.92 18.27
C SER A 874 -18.41 5.08 18.42
N ALA A 875 -19.57 5.69 18.18
CA ALA A 875 -20.83 5.02 18.46
C ALA A 875 -21.87 5.43 17.42
N TYR A 876 -22.50 4.43 16.82
CA TYR A 876 -23.59 4.63 15.88
C TYR A 876 -24.28 3.29 15.72
N CYS A 877 -25.57 3.33 15.42
CA CYS A 877 -26.31 2.09 15.31
C CYS A 877 -26.09 1.45 13.94
N VAL A 878 -26.34 0.14 13.88
CA VAL A 878 -26.25 -0.64 12.66
C VAL A 878 -27.52 -1.46 12.57
N LEU A 879 -28.48 -1.00 11.77
CA LEU A 879 -29.85 -1.51 11.83
C LEU A 879 -30.31 -2.03 10.47
N PRO A 880 -31.24 -2.99 10.45
CA PRO A 880 -31.66 -3.57 9.18
C PRO A 880 -32.71 -2.72 8.47
N LEU A 881 -32.66 -2.80 7.14
CA LEU A 881 -33.49 -2.01 6.26
C LEU A 881 -34.22 -2.91 5.27
N ASN A 882 -35.47 -2.55 4.94
CA ASN A 882 -36.23 -3.36 3.96
C ASN A 882 -37.12 -2.46 3.10
N VAL A 883 -37.71 -3.04 2.05
CA VAL A 883 -38.65 -2.30 1.17
C VAL A 883 -40.06 -2.77 1.53
N VAL A 884 -40.92 -1.86 1.95
CA VAL A 884 -42.33 -2.21 2.27
C VAL A 884 -43.17 -1.08 1.69
N ASN A 885 -44.45 -1.32 1.40
CA ASN A 885 -45.28 -0.26 0.75
C ASN A 885 -44.62 0.08 -0.60
N ASP A 886 -44.23 1.35 -0.78
CA ASP A 886 -43.59 1.77 -2.05
C ASP A 886 -42.33 0.94 -2.27
N SER A 887 -42.14 0.40 -3.47
CA SER A 887 -40.94 -0.39 -3.79
C SER A 887 -39.68 0.47 -3.71
N SER A 888 -39.76 1.72 -4.16
CA SER A 888 -38.55 2.58 -4.20
C SER A 888 -38.00 2.82 -2.80
N THR A 889 -38.87 3.01 -1.82
CA THR A 889 -38.40 3.37 -0.46
C THR A 889 -37.69 2.22 0.27
N LEU A 890 -36.55 2.48 0.91
CA LEU A 890 -35.89 1.47 1.79
C LEU A 890 -36.17 2.00 3.20
N ASP A 891 -36.75 1.19 4.09
CA ASP A 891 -37.16 1.74 5.41
C ASP A 891 -36.72 0.84 6.57
N ILE A 892 -36.61 1.39 7.78
CA ILE A 892 -36.18 0.62 8.97
C ILE A 892 -37.25 -0.44 9.23
N ASP A 893 -36.84 -1.71 9.29
CA ASP A 893 -37.79 -2.81 9.55
C ASP A 893 -38.21 -2.76 11.03
N PHE A 894 -39.49 -2.55 11.35
CA PHE A 894 -39.93 -2.66 12.73
C PHE A 894 -40.71 -3.92 13.05
N LYS A 895 -41.34 -4.56 12.06
CA LYS A 895 -41.86 -5.91 12.25
C LYS A 895 -40.74 -6.93 12.29
N PHE A 896 -39.55 -6.52 11.87
CA PHE A 896 -38.29 -7.18 12.16
C PHE A 896 -37.60 -6.26 13.15
N MET A 897 -36.84 -6.85 14.08
CA MET A 897 -36.36 -6.25 15.31
C MET A 897 -37.44 -6.29 16.38
N GLU A 898 -38.62 -6.78 16.03
CA GLU A 898 -39.65 -7.06 17.02
C GLU A 898 -40.01 -8.54 17.05
N ASP A 899 -39.59 -9.32 16.07
CA ASP A 899 -39.67 -10.76 16.14
C ASP A 899 -38.36 -11.36 16.62
N ILE A 900 -37.37 -10.51 16.93
CA ILE A 900 -36.20 -10.93 17.70
C ILE A 900 -36.46 -10.83 19.20
N GLU A 901 -37.47 -10.06 19.61
CA GLU A 901 -37.87 -9.94 21.00
C GLU A 901 -39.07 -10.80 21.32
N LYS A 902 -39.62 -11.51 20.34
CA LYS A 902 -40.74 -12.42 20.53
C LYS A 902 -40.32 -13.86 20.28
N SER A 903 -39.03 -14.12 20.12
CA SER A 903 -38.49 -15.45 19.91
C SER A 903 -37.54 -15.79 21.05
N GLU A 904 -37.47 -17.06 21.41
CA GLU A 904 -36.66 -17.53 22.52
C GLU A 904 -35.51 -18.43 22.07
N ALA A 905 -35.14 -18.34 20.79
CA ALA A 905 -33.98 -19.07 20.27
C ALA A 905 -32.83 -18.13 19.91
N ARG A 906 -32.86 -16.91 20.45
CA ARG A 906 -31.83 -15.93 20.13
C ARG A 906 -30.58 -16.13 20.98
N ILE A 907 -30.71 -15.95 22.29
CA ILE A 907 -29.57 -16.06 23.20
C ILE A 907 -29.44 -17.45 23.81
N GLY A 908 -30.55 -18.16 24.01
CA GLY A 908 -30.55 -19.52 24.46
C GLY A 908 -31.08 -20.48 23.41
N ILE A 909 -31.50 -21.64 23.88
CA ILE A 909 -32.16 -22.64 23.06
C ILE A 909 -33.62 -22.70 23.49
N PRO A 910 -34.57 -22.70 22.56
CA PRO A 910 -35.98 -22.74 22.96
C PRO A 910 -36.33 -24.01 23.72
N SER A 911 -37.23 -23.88 24.67
CA SER A 911 -37.73 -25.03 25.42
C SER A 911 -38.88 -25.64 24.62
N THR A 912 -38.69 -26.87 24.17
CA THR A 912 -39.63 -27.52 23.26
C THR A 912 -39.74 -28.99 23.66
N LYS A 913 -40.88 -29.59 23.30
CA LYS A 913 -41.18 -30.95 23.74
C LYS A 913 -41.73 -31.71 22.54
N TYR A 914 -41.06 -32.78 22.15
CA TYR A 914 -41.46 -33.57 20.99
C TYR A 914 -41.90 -34.96 21.45
N THR A 915 -43.12 -35.34 21.07
CA THR A 915 -43.70 -36.63 21.41
C THR A 915 -43.93 -37.43 20.15
N LYS A 916 -44.09 -38.75 20.31
CA LYS A 916 -44.43 -39.60 19.17
C LYS A 916 -45.88 -39.49 18.78
N GLU A 917 -46.68 -38.72 19.52
CA GLU A 917 -48.09 -38.48 19.21
C GLU A 917 -48.30 -37.18 18.45
N THR A 918 -47.33 -36.27 18.49
CA THR A 918 -47.35 -35.04 17.69
C THR A 918 -46.05 -34.96 16.90
N PRO A 919 -45.90 -35.82 15.89
CA PRO A 919 -44.60 -35.95 15.22
C PRO A 919 -44.10 -34.63 14.66
N PHE A 920 -42.78 -34.44 14.70
CA PHE A 920 -42.18 -33.21 14.19
C PHE A 920 -42.53 -33.00 12.73
N VAL A 921 -42.93 -31.78 12.39
CA VAL A 921 -43.37 -31.43 11.05
C VAL A 921 -42.31 -30.54 10.42
N PHE A 922 -42.03 -30.74 9.12
CA PHE A 922 -40.95 -29.97 8.44
C PHE A 922 -41.56 -28.94 7.48
N LYS A 923 -41.04 -27.72 7.44
CA LYS A 923 -41.52 -26.70 6.46
C LYS A 923 -40.32 -26.19 5.65
N LEU A 924 -40.29 -26.41 4.34
CA LEU A 924 -39.09 -26.04 3.54
C LEU A 924 -38.85 -24.53 3.54
N GLU A 925 -39.90 -23.73 3.49
CA GLU A 925 -39.71 -22.25 3.36
C GLU A 925 -38.98 -21.70 4.58
N ASP A 926 -39.27 -22.24 5.76
CA ASP A 926 -38.66 -21.74 7.01
C ASP A 926 -37.14 -21.91 6.98
N TYR A 927 -36.65 -23.02 6.42
CA TYR A 927 -35.19 -23.32 6.40
C TYR A 927 -34.57 -22.94 5.06
N GLN A 928 -35.24 -22.16 4.21
CA GLN A 928 -34.68 -21.87 2.86
C GLN A 928 -33.39 -21.06 2.98
N ASP A 929 -33.40 -20.02 3.82
CA ASP A 929 -32.18 -19.21 4.07
C ASP A 929 -32.06 -19.14 5.58
N ALA A 930 -31.54 -20.20 6.21
CA ALA A 930 -31.57 -20.22 7.68
C ALA A 930 -30.19 -20.27 8.33
N VAL A 931 -30.02 -19.58 9.47
CA VAL A 931 -28.77 -19.73 10.27
C VAL A 931 -29.21 -20.63 11.43
N ILE A 932 -28.66 -21.84 11.52
CA ILE A 932 -29.14 -22.80 12.54
C ILE A 932 -28.09 -23.01 13.63
N ILE A 933 -28.49 -23.13 14.92
CA ILE A 933 -27.56 -23.38 16.06
C ILE A 933 -27.86 -24.77 16.65
N PRO A 934 -26.90 -25.69 16.77
CA PRO A 934 -27.14 -27.00 17.39
C PRO A 934 -27.50 -26.85 18.88
N ARG A 935 -28.35 -27.72 19.41
CA ARG A 935 -28.80 -27.55 20.82
C ARG A 935 -28.11 -28.58 21.72
N TYR A 936 -27.82 -29.77 21.20
CA TYR A 936 -27.22 -30.86 21.99
C TYR A 936 -25.80 -30.53 22.48
N ARG A 937 -25.18 -29.43 22.05
CA ARG A 937 -23.76 -29.22 22.41
C ARG A 937 -23.34 -27.75 22.54
N ASN A 938 -22.14 -27.50 23.06
CA ASN A 938 -21.58 -26.14 23.19
C ASN A 938 -22.54 -25.21 23.92
N PHE A 939 -23.04 -25.64 25.08
CA PHE A 939 -24.05 -24.85 25.82
C PHE A 939 -23.44 -23.49 26.17
N ASP A 940 -22.15 -23.45 26.50
CA ASP A 940 -21.45 -22.17 26.80
C ASP A 940 -21.52 -21.25 25.58
N GLN A 941 -20.83 -21.59 24.49
CA GLN A 941 -20.81 -20.75 23.26
C GLN A 941 -21.20 -21.67 22.09
N PRO A 942 -22.41 -21.54 21.52
CA PRO A 942 -22.84 -22.43 20.46
C PRO A 942 -22.16 -22.15 19.10
N HIS A 943 -22.09 -23.15 18.22
CA HIS A 943 -21.48 -22.96 16.87
C HIS A 943 -22.58 -22.65 15.85
N ARG A 944 -22.48 -21.51 15.17
CA ARG A 944 -23.51 -21.08 14.18
C ARG A 944 -23.11 -21.53 12.78
N PHE A 945 -24.07 -21.95 11.95
CA PHE A 945 -23.77 -22.34 10.55
C PHE A 945 -24.97 -21.96 9.68
N TYR A 946 -24.78 -21.07 8.69
CA TYR A 946 -25.90 -20.77 7.78
C TYR A 946 -26.18 -21.94 6.84
N VAL A 947 -27.47 -22.21 6.56
CA VAL A 947 -27.88 -23.32 5.66
C VAL A 947 -27.59 -22.90 4.22
N ALA A 948 -27.13 -23.83 3.37
CA ALA A 948 -26.82 -23.50 1.97
C ALA A 948 -27.44 -24.54 1.03
N ASP A 949 -28.15 -25.54 1.58
CA ASP A 949 -28.66 -26.62 0.74
C ASP A 949 -29.53 -27.51 1.61
N VAL A 950 -30.39 -28.29 0.95
CA VAL A 950 -31.17 -29.34 1.59
C VAL A 950 -30.92 -30.64 0.83
N TYR A 951 -30.45 -31.66 1.53
CA TYR A 951 -30.27 -32.97 0.93
C TYR A 951 -31.52 -33.79 1.14
N THR A 952 -32.29 -33.99 0.07
CA THR A 952 -33.61 -34.67 0.19
C THR A 952 -33.47 -36.19 0.28
N ASP A 953 -32.58 -36.77 -0.54
CA ASP A 953 -32.36 -38.24 -0.54
C ASP A 953 -31.81 -38.69 0.81
N LEU A 954 -30.94 -37.85 1.41
CA LEU A 954 -30.36 -38.17 2.74
C LEU A 954 -31.48 -38.06 3.78
N THR A 955 -31.63 -39.09 4.62
CA THR A 955 -32.70 -39.14 5.65
C THR A 955 -32.05 -39.55 6.98
N PRO A 956 -32.72 -39.47 8.15
CA PRO A 956 -32.08 -39.79 9.42
C PRO A 956 -31.62 -41.24 9.44
N LEU A 957 -32.06 -42.06 8.48
CA LEU A 957 -31.69 -43.51 8.53
C LEU A 957 -30.54 -43.89 7.59
N SER A 958 -29.92 -42.96 6.85
CA SER A 958 -28.87 -43.43 5.91
C SER A 958 -27.61 -42.57 5.88
N LYS A 959 -27.49 -41.55 6.74
CA LYS A 959 -26.32 -40.64 6.59
C LYS A 959 -24.98 -41.35 6.79
N PHE A 960 -24.85 -42.20 7.81
CA PHE A 960 -23.57 -42.92 8.10
C PHE A 960 -22.34 -42.08 7.73
N PRO A 961 -22.05 -40.86 8.27
CA PRO A 961 -20.83 -40.15 7.84
C PRO A 961 -19.50 -40.78 8.29
N SER A 962 -19.40 -41.18 9.57
CA SER A 962 -18.16 -41.80 10.12
C SER A 962 -18.39 -43.31 10.19
N PRO A 963 -17.73 -44.18 9.39
CA PRO A 963 -18.12 -45.61 9.35
C PRO A 963 -17.66 -46.46 10.53
N GLU A 964 -18.27 -46.20 11.68
CA GLU A 964 -18.20 -47.10 12.83
C GLU A 964 -19.58 -47.18 13.48
N TYR A 965 -20.55 -46.46 12.92
CA TYR A 965 -21.90 -46.37 13.46
C TYR A 965 -22.91 -46.98 12.50
N GLU A 966 -23.87 -47.73 13.05
CA GLU A 966 -24.80 -48.48 12.22
C GLU A 966 -25.76 -47.58 11.46
N THR A 967 -26.03 -46.37 11.97
CA THR A 967 -26.85 -45.41 11.24
C THR A 967 -26.56 -44.01 11.78
N PHE A 968 -27.35 -43.05 11.31
CA PHE A 968 -27.21 -41.68 11.81
C PHE A 968 -27.92 -41.49 13.14
N ALA A 969 -29.18 -41.90 13.23
CA ALA A 969 -29.97 -41.68 14.43
C ALA A 969 -29.30 -42.32 15.65
N GLU A 970 -28.67 -43.47 15.46
CA GLU A 970 -28.00 -44.14 16.56
C GLU A 970 -26.84 -43.31 17.10
N TYR A 971 -26.35 -42.36 16.30
CA TYR A 971 -25.25 -41.47 16.75
C TYR A 971 -25.76 -40.46 17.79
N TYR A 972 -26.82 -39.73 17.49
CA TYR A 972 -27.34 -38.82 18.54
C TYR A 972 -27.78 -39.65 19.75
N LYS A 973 -28.32 -40.84 19.53
CA LYS A 973 -28.83 -41.68 20.66
C LYS A 973 -27.68 -42.13 21.57
N THR A 974 -26.52 -42.49 21.02
CA THR A 974 -25.46 -42.97 21.91
C THR A 974 -24.59 -41.86 22.47
N LYS A 975 -24.25 -40.85 21.67
CA LYS A 975 -23.34 -39.82 22.14
C LYS A 975 -24.03 -38.70 22.90
N TYR A 976 -25.33 -38.52 22.69
CA TYR A 976 -26.09 -37.50 23.40
C TYR A 976 -27.38 -38.00 24.02
N ASN A 977 -27.83 -39.21 23.68
CA ASN A 977 -29.11 -39.76 24.16
C ASN A 977 -30.26 -38.82 23.78
N LEU A 978 -30.35 -38.55 22.48
CA LEU A 978 -31.43 -37.77 21.91
C LEU A 978 -32.21 -38.64 20.93
N ASP A 979 -33.53 -38.50 20.95
CA ASP A 979 -34.40 -39.25 20.08
C ASP A 979 -35.09 -38.30 19.12
N LEU A 980 -35.49 -38.84 17.97
CA LEU A 980 -36.12 -38.06 16.91
C LEU A 980 -37.54 -38.56 16.72
N THR A 981 -38.49 -37.63 16.64
CA THR A 981 -39.89 -37.97 16.46
C THR A 981 -40.32 -38.00 15.00
N ASN A 982 -39.44 -37.63 14.08
CA ASN A 982 -39.73 -37.62 12.66
C ASN A 982 -38.56 -38.28 11.94
N LEU A 983 -38.79 -39.48 11.40
CA LEU A 983 -37.73 -40.24 10.74
C LEU A 983 -37.86 -40.20 9.23
N ASN A 984 -38.71 -39.33 8.69
CA ASN A 984 -38.86 -39.15 7.26
C ASN A 984 -38.42 -37.76 6.80
N GLN A 985 -37.96 -36.93 7.74
CA GLN A 985 -37.47 -35.61 7.41
C GLN A 985 -36.15 -35.71 6.65
N PRO A 986 -35.79 -34.67 5.90
CA PRO A 986 -34.51 -34.67 5.20
C PRO A 986 -33.41 -34.11 6.09
N LEU A 987 -32.17 -34.40 5.70
CA LEU A 987 -31.02 -33.85 6.40
C LEU A 987 -30.66 -32.51 5.78
N LEU A 988 -30.16 -31.61 6.61
CA LEU A 988 -30.08 -30.20 6.29
C LEU A 988 -28.61 -29.82 6.11
N ASP A 989 -28.12 -29.95 4.88
CA ASP A 989 -26.74 -29.56 4.59
C ASP A 989 -26.49 -28.14 5.05
N VAL A 990 -25.23 -27.86 5.38
CA VAL A 990 -24.94 -26.68 6.17
C VAL A 990 -23.44 -26.38 6.10
N ASP A 991 -23.08 -25.11 6.27
CA ASP A 991 -21.68 -24.68 6.23
C ASP A 991 -21.47 -23.52 7.17
N HIS A 992 -20.28 -23.49 7.79
CA HIS A 992 -19.96 -22.57 8.88
C HIS A 992 -20.30 -21.12 8.60
N THR A 993 -20.48 -20.37 9.67
CA THR A 993 -20.38 -18.92 9.63
C THR A 993 -18.92 -18.53 9.60
N SER A 994 -18.61 -17.45 8.88
CA SER A 994 -17.24 -16.99 8.79
C SER A 994 -16.72 -16.62 10.17
N SER A 995 -15.55 -17.18 10.53
CA SER A 995 -14.97 -17.01 11.86
C SER A 995 -13.82 -16.02 11.89
N ARG A 996 -13.28 -15.65 10.73
CA ARG A 996 -12.22 -14.66 10.61
C ARG A 996 -12.80 -13.46 9.89
N LEU A 997 -12.60 -12.28 10.47
CA LEU A 997 -13.33 -11.11 10.00
C LEU A 997 -12.39 -10.03 9.51
N ASN A 998 -11.40 -10.44 8.72
CA ASN A 998 -10.52 -9.53 7.99
C ASN A 998 -10.79 -9.76 6.52
N LEU A 999 -11.57 -8.86 5.91
CA LEU A 999 -12.05 -9.03 4.54
C LEU A 999 -11.58 -7.88 3.64
N LEU A 1000 -10.40 -7.34 3.93
CA LEU A 1000 -9.84 -6.27 3.13
C LEU A 1000 -8.74 -6.75 2.19
N THR A 1001 -8.38 -8.02 2.28
CA THR A 1001 -7.37 -8.69 1.49
C THR A 1001 -7.98 -9.90 0.77
N PRO A 1002 -7.50 -10.20 -0.42
CA PRO A 1002 -7.97 -11.42 -1.11
C PRO A 1002 -7.17 -12.64 -0.69
N ARG A 1003 -7.82 -13.80 -0.65
CA ARG A 1003 -7.20 -15.00 -0.12
C ARG A 1003 -6.32 -15.71 -1.15
N HIS A 1004 -6.67 -15.62 -2.43
CA HIS A 1004 -5.99 -16.40 -3.47
C HIS A 1004 -5.19 -15.52 -4.42
N LEU A 1005 -4.91 -14.29 -4.02
CA LEU A 1005 -4.05 -13.39 -4.77
C LEU A 1005 -2.88 -12.96 -3.88
N ASN A 1006 -1.87 -12.36 -4.51
CA ASN A 1006 -0.69 -11.96 -3.78
C ASN A 1006 -1.01 -10.85 -2.78
N GLN A 1007 0.01 -10.44 -2.04
CA GLN A 1007 -0.08 -9.30 -1.13
C GLN A 1007 0.40 -8.04 -1.84
N LYS A 1008 0.16 -8.00 -3.15
CA LYS A 1008 0.63 -6.94 -4.02
C LYS A 1008 -0.47 -6.30 -4.85
N GLY A 1009 -1.71 -6.78 -4.73
CA GLY A 1009 -2.75 -6.37 -5.65
C GLY A 1009 -2.60 -6.98 -7.03
N LYS A 1010 -1.86 -8.08 -7.14
CA LYS A 1010 -1.55 -8.69 -8.42
C LYS A 1010 -2.35 -9.98 -8.57
N ALA A 1011 -3.03 -10.12 -9.71
CA ALA A 1011 -3.83 -11.30 -9.96
C ALA A 1011 -2.92 -12.47 -10.31
N LEU A 1012 -3.06 -13.55 -9.52
CA LEU A 1012 -2.21 -14.76 -9.71
C LEU A 1012 -2.95 -15.98 -9.17
N PRO A 1013 -3.67 -16.75 -10.01
CA PRO A 1013 -4.30 -18.00 -9.56
C PRO A 1013 -3.21 -19.07 -9.37
N LEU A 1014 -3.42 -19.99 -8.42
CA LEU A 1014 -2.41 -21.05 -8.14
C LEU A 1014 -2.37 -22.06 -9.30
N SER A 1015 -1.19 -22.65 -9.57
CA SER A 1015 -1.04 -23.62 -10.68
C SER A 1015 -0.88 -25.05 -10.14
N SER A 1016 -1.22 -25.28 -8.87
CA SER A 1016 -0.99 -26.62 -8.26
C SER A 1016 -2.28 -27.17 -7.62
N ALA A 1017 -2.37 -28.51 -7.49
CA ALA A 1017 -3.53 -29.16 -6.84
C ALA A 1017 -4.83 -28.84 -7.58
N GLU A 1018 -4.79 -28.70 -8.91
CA GLU A 1018 -6.00 -28.26 -9.65
C GLU A 1018 -7.12 -29.31 -9.53
N LYS A 1019 -6.80 -30.59 -9.76
CA LYS A 1019 -7.79 -31.68 -9.60
C LYS A 1019 -8.10 -31.87 -8.12
N ARG A 1020 -7.06 -31.75 -7.28
CA ARG A 1020 -7.22 -32.02 -5.81
C ARG A 1020 -8.20 -31.04 -5.16
N LYS A 1021 -8.18 -29.77 -5.52
CA LYS A 1021 -9.03 -28.78 -4.82
C LYS A 1021 -10.51 -29.15 -4.99
N ALA A 1022 -10.92 -29.56 -6.20
CA ALA A 1022 -12.31 -30.02 -6.41
C ALA A 1022 -12.55 -31.34 -5.64
N LYS A 1023 -11.59 -32.27 -5.70
CA LYS A 1023 -11.73 -33.56 -4.98
C LYS A 1023 -11.75 -33.30 -3.47
N TRP A 1024 -10.96 -32.34 -3.01
CA TRP A 1024 -10.94 -31.98 -1.56
C TRP A 1024 -12.36 -31.63 -1.11
N GLU A 1025 -12.97 -30.57 -1.67
CA GLU A 1025 -14.26 -30.21 -1.11
C GLU A 1025 -15.34 -31.24 -1.41
N SER A 1026 -15.03 -32.29 -2.15
CA SER A 1026 -15.98 -33.36 -2.45
C SER A 1026 -15.86 -34.49 -1.43
N LEU A 1027 -14.66 -35.03 -1.24
CA LEU A 1027 -14.48 -36.15 -0.33
C LEU A 1027 -14.32 -35.72 1.12
N GLN A 1028 -14.21 -34.42 1.39
CA GLN A 1028 -13.95 -33.98 2.75
C GLN A 1028 -15.20 -34.19 3.61
N ASN A 1029 -14.97 -34.38 4.90
CA ASN A 1029 -16.08 -34.44 5.84
C ASN A 1029 -16.77 -33.09 5.88
N LYS A 1030 -18.10 -33.10 5.83
CA LYS A 1030 -18.89 -31.88 5.85
C LYS A 1030 -20.03 -32.07 6.82
N GLN A 1031 -20.39 -31.00 7.54
CA GLN A 1031 -21.39 -31.11 8.57
C GLN A 1031 -22.78 -31.18 7.93
N ILE A 1032 -23.52 -32.23 8.28
CA ILE A 1032 -24.90 -32.42 7.83
C ILE A 1032 -25.76 -32.46 9.08
N LEU A 1033 -26.27 -31.31 9.49
CA LEU A 1033 -27.07 -31.18 10.69
C LEU A 1033 -28.44 -31.82 10.46
N VAL A 1034 -29.28 -31.82 11.50
CA VAL A 1034 -30.66 -32.29 11.34
C VAL A 1034 -31.59 -31.22 11.87
N PRO A 1035 -32.71 -30.92 11.19
CA PRO A 1035 -33.53 -29.77 11.59
C PRO A 1035 -34.27 -30.00 12.90
N GLU A 1036 -34.43 -31.27 13.27
CA GLU A 1036 -35.05 -31.61 14.54
C GLU A 1036 -34.36 -30.90 15.71
N LEU A 1037 -33.03 -30.98 15.76
CA LEU A 1037 -32.26 -30.60 16.95
C LEU A 1037 -31.61 -29.24 16.85
N CYS A 1038 -31.62 -28.60 15.68
CA CYS A 1038 -31.03 -27.28 15.50
C CYS A 1038 -32.13 -26.23 15.53
N ALA A 1039 -31.98 -25.27 16.43
CA ALA A 1039 -32.92 -24.16 16.50
C ALA A 1039 -32.59 -23.12 15.43
N ILE A 1040 -33.62 -22.62 14.77
CA ILE A 1040 -33.47 -21.58 13.76
C ILE A 1040 -33.34 -20.24 14.47
N HIS A 1041 -32.26 -19.54 14.22
CA HIS A 1041 -32.13 -18.16 14.65
C HIS A 1041 -33.31 -17.34 14.15
N PRO A 1042 -33.62 -16.22 14.78
CA PRO A 1042 -34.52 -15.23 14.17
C PRO A 1042 -33.88 -14.38 13.09
N ILE A 1043 -32.68 -14.74 12.64
CA ILE A 1043 -31.96 -14.01 11.59
C ILE A 1043 -31.82 -14.95 10.40
N PRO A 1044 -32.15 -14.52 9.18
CA PRO A 1044 -31.93 -15.37 8.00
C PRO A 1044 -30.54 -15.19 7.43
N ALA A 1045 -30.12 -16.19 6.66
CA ALA A 1045 -28.75 -16.18 6.13
C ALA A 1045 -28.48 -14.97 5.25
N SER A 1046 -29.50 -14.49 4.53
CA SER A 1046 -29.31 -13.39 3.59
C SER A 1046 -28.86 -12.12 4.28
N LEU A 1047 -29.19 -11.94 5.55
CA LEU A 1047 -28.73 -10.79 6.30
C LEU A 1047 -27.52 -11.09 7.17
N TRP A 1048 -27.38 -12.33 7.62
CA TRP A 1048 -26.16 -12.74 8.30
C TRP A 1048 -24.95 -12.53 7.40
N ARG A 1049 -25.12 -12.75 6.09
CA ARG A 1049 -24.03 -12.60 5.15
C ARG A 1049 -23.60 -11.15 5.01
N LYS A 1050 -24.54 -10.21 5.08
CA LYS A 1050 -24.16 -8.81 5.10
C LYS A 1050 -23.65 -8.37 6.47
N ALA A 1051 -23.98 -9.11 7.53
CA ALA A 1051 -23.51 -8.76 8.86
C ALA A 1051 -22.05 -9.14 9.08
N VAL A 1052 -21.66 -10.33 8.62
CA VAL A 1052 -20.28 -10.79 8.78
C VAL A 1052 -19.30 -9.77 8.21
N CYS A 1053 -19.67 -9.11 7.13
CA CYS A 1053 -18.80 -8.15 6.48
C CYS A 1053 -18.77 -6.79 7.15
N LEU A 1054 -19.43 -6.63 8.31
CA LEU A 1054 -19.49 -5.32 8.95
C LEU A 1054 -18.18 -4.91 9.62
N PRO A 1055 -17.41 -5.82 10.24
CA PRO A 1055 -16.11 -5.39 10.77
C PRO A 1055 -15.20 -4.79 9.71
N SER A 1056 -15.01 -5.47 8.58
CA SER A 1056 -14.13 -4.97 7.53
C SER A 1056 -14.67 -3.68 6.93
N ILE A 1057 -15.98 -3.65 6.63
CA ILE A 1057 -16.57 -2.47 6.00
C ILE A 1057 -16.51 -1.27 6.95
N LEU A 1058 -16.73 -1.49 8.24
CA LEU A 1058 -16.72 -0.42 9.22
C LEU A 1058 -15.33 0.01 9.61
N TYR A 1059 -14.31 -0.81 9.32
CA TYR A 1059 -12.90 -0.42 9.53
C TYR A 1059 -12.31 0.26 8.28
N ARG A 1060 -12.57 -0.21 7.06
CA ARG A 1060 -12.10 0.47 5.83
C ARG A 1060 -12.80 1.81 5.69
N LEU A 1061 -14.07 1.89 6.02
CA LEU A 1061 -14.72 3.23 6.03
C LEU A 1061 -13.99 4.02 7.10
N HIS A 1062 -13.42 3.33 8.10
CA HIS A 1062 -12.73 3.98 9.24
C HIS A 1062 -11.25 4.12 8.94
N CYS A 1063 -10.74 3.47 7.89
CA CYS A 1063 -9.27 3.48 7.64
C CYS A 1063 -9.02 4.82 7.04
N LEU A 1064 -9.40 5.86 7.74
CA LEU A 1064 -9.11 7.24 7.31
C LEU A 1064 -9.87 7.48 6.02
N LEU A 1065 -10.71 6.53 5.59
CA LEU A 1065 -11.41 6.87 4.34
C LEU A 1065 -12.23 8.05 4.78
N THR A 1066 -12.75 8.01 6.01
CA THR A 1066 -13.62 9.11 6.49
C THR A 1066 -12.77 10.16 7.19
N ALA A 1067 -11.49 9.85 7.40
CA ALA A 1067 -10.55 10.87 7.94
C ALA A 1067 -9.75 11.37 6.73
N GLU A 1068 -10.46 11.82 5.70
CA GLU A 1068 -9.84 12.37 4.48
C GLU A 1068 -9.70 13.83 4.84
N GLU A 1069 -9.77 14.12 6.14
CA GLU A 1069 -9.54 15.48 6.64
C GLU A 1069 -8.09 15.80 6.27
N LEU A 1070 -7.27 14.78 6.06
CA LEU A 1070 -5.88 15.03 5.59
C LEU A 1070 -6.01 15.77 4.26
N ARG A 1071 -6.89 15.29 3.37
CA ARG A 1071 -7.06 15.92 2.03
C ARG A 1071 -7.76 17.26 2.18
N ALA A 1072 -8.68 17.37 3.14
CA ALA A 1072 -9.35 18.66 3.37
C ALA A 1072 -8.33 19.69 3.86
N GLN A 1073 -7.41 19.27 4.74
CA GLN A 1073 -6.32 20.20 5.16
C GLN A 1073 -5.43 20.53 3.96
N THR A 1074 -5.08 19.53 3.16
CA THR A 1074 -4.24 19.74 1.94
C THR A 1074 -5.13 20.09 0.75
N ARG A 1288 -4.28 23.04 -7.01
CA ARG A 1288 -4.86 21.76 -6.55
C ARG A 1288 -6.02 21.33 -7.44
N THR A 1289 -5.94 20.15 -8.07
CA THR A 1289 -7.07 19.62 -8.87
C THR A 1289 -7.93 18.75 -7.93
N LEU A 1290 -8.42 19.33 -6.83
CA LEU A 1290 -9.29 18.60 -5.87
C LEU A 1290 -8.51 17.50 -5.13
N GLY A 1291 -7.18 17.49 -5.23
CA GLY A 1291 -6.37 16.51 -4.47
C GLY A 1291 -6.43 15.16 -5.13
N PRO A 1292 -5.72 14.14 -4.64
CA PRO A 1292 -5.83 12.80 -5.18
C PRO A 1292 -7.08 12.11 -4.64
N ASN A 1293 -7.41 10.94 -5.17
CA ASN A 1293 -8.56 10.16 -4.65
C ASN A 1293 -8.25 9.76 -3.22
N PRO A 1294 -9.21 9.68 -2.28
CA PRO A 1294 -8.93 9.19 -0.92
C PRO A 1294 -8.38 7.77 -0.97
N GLY A 1295 -8.65 7.03 -2.03
CA GLY A 1295 -8.04 5.70 -2.19
C GLY A 1295 -6.53 5.79 -2.35
N LEU A 1296 -6.04 6.79 -3.09
CA LEU A 1296 -4.56 7.03 -3.25
C LEU A 1296 -3.92 7.55 -1.96
N ILE A 1297 -4.53 8.52 -1.30
CA ILE A 1297 -4.00 9.03 -0.01
C ILE A 1297 -3.98 7.85 0.96
N LEU A 1298 -4.79 6.81 0.74
CA LEU A 1298 -4.68 5.71 1.67
C LEU A 1298 -3.50 4.80 1.35
N GLN A 1299 -2.75 5.10 0.29
CA GLN A 1299 -1.46 4.47 0.05
C GLN A 1299 -0.30 5.37 0.44
N ALA A 1300 -0.61 6.60 0.87
CA ALA A 1300 0.37 7.54 1.39
C ALA A 1300 0.23 7.64 2.90
N LEU A 1301 -0.45 6.67 3.50
CA LEU A 1301 -0.49 6.47 4.94
C LEU A 1301 -0.29 5.01 5.33
N THR A 1302 -0.47 4.06 4.43
CA THR A 1302 -0.37 2.65 4.76
C THR A 1302 1.08 2.21 4.68
N LEU A 1303 1.56 1.65 5.77
CA LEU A 1303 2.92 1.16 5.88
C LEU A 1303 2.92 -0.34 5.65
N SER A 1304 4.02 -0.86 5.12
CA SER A 1304 4.14 -2.29 4.93
C SER A 1304 4.14 -2.98 6.28
N ASN A 1305 3.81 -4.28 6.27
CA ASN A 1305 3.58 -5.09 7.46
C ASN A 1305 2.22 -4.74 8.06
N ALA A 1306 1.45 -3.93 7.34
CA ALA A 1306 0.01 -3.83 7.53
C ALA A 1306 -0.74 -4.72 6.57
N SER A 1307 -0.03 -5.36 5.63
CA SER A 1307 -0.49 -6.51 4.87
C SER A 1307 -1.91 -6.40 4.35
N ASP A 1308 -2.19 -5.43 3.49
CA ASP A 1308 -3.56 -5.30 3.00
C ASP A 1308 -3.62 -5.18 1.47
N GLY A 1309 -2.49 -4.90 0.84
CA GLY A 1309 -2.46 -4.78 -0.61
C GLY A 1309 -1.92 -3.45 -1.09
N PHE A 1310 -1.63 -2.55 -0.16
CA PHE A 1310 -0.91 -1.31 -0.44
C PHE A 1310 0.43 -1.35 0.25
N ASN A 1311 1.47 -0.91 -0.43
CA ASN A 1311 2.75 -0.65 0.19
C ASN A 1311 3.00 0.85 0.25
N LEU A 1312 3.80 1.26 1.23
CA LEU A 1312 4.20 2.65 1.31
C LEU A 1312 5.16 3.02 0.18
N GLU A 1313 6.03 2.09 -0.19
CA GLU A 1313 7.10 2.30 -1.16
C GLU A 1313 6.61 2.03 -2.57
N ARG A 1314 7.45 2.38 -3.55
CA ARG A 1314 7.16 2.46 -4.98
C ARG A 1314 6.44 3.78 -5.27
N LEU A 1315 6.26 4.57 -4.23
CA LEU A 1315 5.61 5.90 -4.38
C LEU A 1315 6.47 6.91 -3.63
N GLU A 1316 7.22 6.47 -2.62
CA GLU A 1316 8.13 7.36 -1.85
C GLU A 1316 9.46 7.52 -2.60
N MET A 1317 9.90 6.53 -3.39
CA MET A 1317 11.14 6.67 -4.20
C MET A 1317 10.98 7.85 -5.13
N LEU A 1318 9.82 8.01 -5.76
CA LEU A 1318 9.54 9.19 -6.60
C LEU A 1318 9.56 10.44 -5.73
N GLY A 1319 9.12 10.33 -4.48
CA GLY A 1319 9.16 11.47 -3.54
C GLY A 1319 10.59 11.85 -3.19
N ASP A 1320 11.49 10.86 -3.11
CA ASP A 1320 12.92 11.14 -2.80
C ASP A 1320 13.50 12.00 -3.92
N SER A 1321 13.17 11.66 -5.17
CA SER A 1321 13.77 12.38 -6.31
C SER A 1321 13.21 13.80 -6.40
N PHE A 1322 11.93 14.00 -6.05
CA PHE A 1322 11.38 15.35 -6.25
C PHE A 1322 11.88 16.27 -5.14
N LEU A 1323 11.95 15.77 -3.91
CA LEU A 1323 12.36 16.62 -2.75
C LEU A 1323 13.83 16.93 -2.94
N LYS A 1324 14.65 15.91 -3.24
CA LYS A 1324 16.03 16.26 -3.52
C LYS A 1324 16.12 17.33 -4.60
N HIS A 1325 15.41 17.11 -5.72
CA HIS A 1325 15.44 18.06 -6.82
C HIS A 1325 14.91 19.44 -6.40
N ALA A 1326 13.84 19.47 -5.61
CA ALA A 1326 13.26 20.75 -5.21
C ALA A 1326 14.16 21.49 -4.25
N ILE A 1327 14.74 20.78 -3.27
CA ILE A 1327 15.67 21.41 -2.35
C ILE A 1327 16.90 21.91 -3.09
N THR A 1328 17.42 21.10 -4.02
CA THR A 1328 18.61 21.47 -4.78
C THR A 1328 18.36 22.70 -5.63
N THR A 1329 17.23 22.73 -6.33
CA THR A 1329 16.91 23.90 -7.14
C THR A 1329 16.69 25.14 -6.27
N TYR A 1330 16.00 24.98 -5.14
CA TYR A 1330 15.77 26.09 -4.23
C TYR A 1330 17.08 26.66 -3.71
N LEU A 1331 18.04 25.81 -3.39
CA LEU A 1331 19.34 26.29 -2.92
C LEU A 1331 20.12 26.94 -4.06
N PHE A 1332 20.26 26.23 -5.18
CA PHE A 1332 21.03 26.74 -6.31
C PHE A 1332 20.54 28.11 -6.76
N CYS A 1333 19.28 28.41 -6.52
CA CYS A 1333 18.80 29.77 -6.88
C CYS A 1333 18.57 30.66 -5.65
N THR A 1334 18.53 30.10 -4.44
CA THR A 1334 18.40 30.99 -3.25
C THR A 1334 19.67 31.85 -3.07
N TYR A 1335 20.86 31.28 -3.28
CA TYR A 1335 22.12 32.02 -3.05
C TYR A 1335 22.86 32.32 -4.36
N PRO A 1336 23.38 33.53 -4.63
CA PRO A 1336 24.14 33.78 -5.87
C PRO A 1336 25.58 33.34 -5.76
N ASP A 1337 26.01 32.89 -4.58
CA ASP A 1337 27.36 32.40 -4.42
C ASP A 1337 27.43 31.39 -3.28
N ALA A 1338 27.81 30.15 -3.62
CA ALA A 1338 28.07 29.10 -2.65
C ALA A 1338 28.79 27.94 -3.33
N HIS A 1339 29.89 27.46 -2.74
CA HIS A 1339 30.61 26.33 -3.30
C HIS A 1339 29.83 25.04 -3.06
N GLU A 1340 30.24 23.98 -3.79
CA GLU A 1340 29.56 22.69 -3.67
C GLU A 1340 29.59 22.16 -2.24
N GLY A 1341 30.64 22.46 -1.49
CA GLY A 1341 30.69 22.01 -0.11
C GLY A 1341 29.58 22.62 0.73
N ARG A 1342 29.43 23.94 0.66
CA ARG A 1342 28.40 24.62 1.43
C ARG A 1342 27.01 24.12 1.06
N LEU A 1343 26.74 23.96 -0.24
CA LEU A 1343 25.40 23.55 -0.65
C LEU A 1343 25.13 22.10 -0.31
N SER A 1344 26.15 21.25 -0.37
CA SER A 1344 25.96 19.86 0.08
C SER A 1344 25.73 19.80 1.57
N TYR A 1345 26.36 20.70 2.33
CA TYR A 1345 26.07 20.81 3.76
C TYR A 1345 24.62 21.21 3.98
N MET A 1346 24.22 22.35 3.39
CA MET A 1346 22.88 22.89 3.58
C MET A 1346 21.81 21.88 3.17
N ARG A 1347 21.99 21.26 2.00
CA ARG A 1347 21.00 20.32 1.51
C ARG A 1347 20.83 19.15 2.48
N SER A 1348 21.91 18.46 2.79
CA SER A 1348 21.86 17.26 3.62
C SER A 1348 21.24 17.48 5.00
N LYS A 1349 21.14 18.72 5.45
CA LYS A 1349 20.50 19.02 6.73
C LYS A 1349 18.99 19.16 6.55
N LYS A 1350 18.57 19.73 5.44
CA LYS A 1350 17.16 19.94 5.14
C LYS A 1350 16.45 18.67 4.66
N VAL A 1351 17.16 17.57 4.45
CA VAL A 1351 16.56 16.36 3.89
C VAL A 1351 16.92 15.10 4.66
N SER A 1352 17.53 15.21 5.83
CA SER A 1352 17.84 14.03 6.62
C SER A 1352 16.58 13.42 7.22
N ASN A 1353 16.65 12.11 7.49
CA ASN A 1353 15.52 11.41 8.12
C ASN A 1353 15.10 12.06 9.43
N CYS A 1354 16.05 12.63 10.16
CA CYS A 1354 15.69 13.32 11.40
C CYS A 1354 14.69 14.44 11.14
N ASN A 1355 14.99 15.30 10.16
CA ASN A 1355 14.11 16.43 9.89
C ASN A 1355 12.79 15.96 9.28
N LEU A 1356 12.81 14.91 8.46
CA LEU A 1356 11.57 14.40 7.90
C LEU A 1356 10.66 13.86 9.00
N TYR A 1357 11.20 13.06 9.91
CA TYR A 1357 10.45 12.59 11.07
C TYR A 1357 9.89 13.74 11.88
N ARG A 1358 10.73 14.74 12.16
CA ARG A 1358 10.30 15.85 12.99
C ARG A 1358 9.25 16.73 12.31
N LEU A 1359 9.03 16.52 11.01
CA LEU A 1359 8.01 17.30 10.27
C LEU A 1359 6.73 16.46 10.10
N GLY A 1360 6.84 15.15 9.91
CA GLY A 1360 5.65 14.29 9.85
C GLY A 1360 4.88 14.21 11.16
N LYS A 1361 5.55 14.02 12.28
CA LYS A 1361 4.91 13.96 13.62
C LYS A 1361 4.29 15.30 14.00
N LYS A 1362 4.92 16.41 13.65
CA LYS A 1362 4.35 17.74 13.95
C LYS A 1362 3.01 17.87 13.23
N LYS A 1363 2.90 17.35 11.99
CA LYS A 1363 1.65 17.38 11.19
C LYS A 1363 0.55 16.54 11.85
N GLY A 1364 0.91 15.42 12.49
CA GLY A 1364 -0.09 14.53 13.09
C GLY A 1364 -0.20 13.25 12.31
N LEU A 1365 0.71 13.06 11.38
CA LEU A 1365 0.65 11.88 10.50
C LEU A 1365 0.78 10.53 11.25
N PRO A 1366 1.47 10.35 12.40
CA PRO A 1366 1.59 9.01 13.04
C PRO A 1366 0.32 8.32 13.55
N SER A 1367 -0.63 9.05 14.12
CA SER A 1367 -1.94 8.46 14.52
C SER A 1367 -2.76 8.03 13.30
N ARG A 1368 -2.79 8.83 12.22
CA ARG A 1368 -3.58 8.57 10.98
C ARG A 1368 -3.01 7.38 10.19
N MET A 1369 -1.82 6.92 10.51
CA MET A 1369 -1.18 5.85 9.73
C MET A 1369 -1.85 4.50 9.96
N VAL A 1370 -1.42 3.48 9.24
CA VAL A 1370 -1.92 2.11 9.39
C VAL A 1370 -0.69 1.23 9.51
N VAL A 1371 -0.41 0.75 10.72
CA VAL A 1371 0.86 0.13 11.03
C VAL A 1371 0.64 -1.33 11.41
N SER A 1372 -0.53 -1.63 11.96
CA SER A 1372 -0.83 -2.97 12.44
C SER A 1372 -1.67 -3.74 11.44
N ILE A 1373 -1.66 -5.06 11.59
CA ILE A 1373 -2.52 -5.93 10.80
C ILE A 1373 -3.89 -5.97 11.47
N PHE A 1374 -4.93 -6.01 10.65
CA PHE A 1374 -6.31 -5.98 11.14
C PHE A 1374 -6.65 -7.30 11.81
N ASP A 1375 -6.78 -7.29 13.13
CA ASP A 1375 -7.42 -8.38 13.88
C ASP A 1375 -8.55 -7.75 14.67
N PRO A 1376 -9.81 -8.02 14.31
CA PRO A 1376 -10.94 -7.31 14.93
C PRO A 1376 -11.12 -7.64 16.40
N PRO A 1377 -10.93 -8.90 16.86
CA PRO A 1377 -11.18 -9.15 18.29
C PRO A 1377 -10.03 -8.67 19.18
N VAL A 1378 -8.81 -8.71 18.65
CA VAL A 1378 -7.64 -8.44 19.47
C VAL A 1378 -7.32 -6.96 19.59
N ASN A 1379 -7.51 -6.16 18.53
CA ASN A 1379 -7.03 -4.80 18.57
C ASN A 1379 -8.02 -3.79 18.00
N TRP A 1380 -9.21 -4.25 17.63
CA TRP A 1380 -10.25 -3.37 17.13
C TRP A 1380 -11.29 -3.14 18.22
N LEU A 1381 -11.64 -1.87 18.43
CA LEU A 1381 -12.65 -1.54 19.41
C LEU A 1381 -13.95 -1.25 18.66
N PRO A 1382 -14.93 -2.15 18.68
CA PRO A 1382 -16.13 -1.98 17.86
C PRO A 1382 -16.90 -0.73 18.26
N PRO A 1383 -17.81 -0.25 17.42
CA PRO A 1383 -18.49 1.02 17.73
C PRO A 1383 -19.48 0.86 18.87
N GLY A 1384 -19.67 1.95 19.62
CA GLY A 1384 -20.53 1.91 20.78
C GLY A 1384 -19.93 1.24 21.98
N TYR A 1385 -18.62 0.99 21.98
CA TYR A 1385 -17.93 0.33 23.08
C TYR A 1385 -16.91 1.28 23.67
N VAL A 1386 -16.87 1.33 24.98
CA VAL A 1386 -15.98 2.24 25.69
C VAL A 1386 -14.63 1.57 25.82
N VAL A 1387 -13.57 2.38 25.90
CA VAL A 1387 -12.21 1.89 25.75
C VAL A 1387 -11.92 0.91 26.87
N ASN A 1388 -10.88 0.09 26.69
CA ASN A 1388 -10.78 -1.12 27.48
C ASN A 1388 -10.72 -0.83 28.97
N GLN A 1389 -11.65 -1.42 29.69
CA GLN A 1389 -11.53 -1.63 31.12
C GLN A 1389 -12.58 -2.62 31.60
N ASP A 1390 -12.14 -3.71 32.22
CA ASP A 1390 -12.92 -4.46 33.20
C ASP A 1390 -11.96 -5.31 34.00
N LYS A 1391 -11.40 -4.76 35.09
CA LYS A 1391 -10.41 -5.46 35.88
C LYS A 1391 -10.57 -5.17 37.36
N SER A 1392 -11.77 -4.84 37.80
CA SER A 1392 -11.98 -4.45 39.19
C SER A 1392 -13.07 -5.29 39.85
N TYR A 1546 -0.80 0.95 28.58
CA TYR A 1546 -0.68 0.50 27.20
C TYR A 1546 -1.72 -0.55 26.89
N ASP A 1547 -2.35 -0.43 25.72
CA ASP A 1547 -3.38 -1.35 25.32
C ASP A 1547 -3.41 -1.42 23.79
N LEU A 1548 -3.87 -2.56 23.27
CA LEU A 1548 -3.90 -2.78 21.84
C LEU A 1548 -5.16 -2.28 21.18
N HIS A 1549 -6.11 -1.75 21.95
CA HIS A 1549 -7.34 -1.26 21.38
C HIS A 1549 -7.31 0.23 21.11
N THR A 1550 -6.33 0.96 21.64
CA THR A 1550 -6.24 2.37 21.28
C THR A 1550 -4.82 2.91 21.11
N GLU A 1551 -3.77 2.08 21.05
CA GLU A 1551 -2.43 2.61 20.85
C GLU A 1551 -1.63 1.68 19.95
N GLN A 1552 -0.55 2.24 19.39
CA GLN A 1552 0.38 1.53 18.52
C GLN A 1552 1.73 2.22 18.59
N CYS A 1553 2.79 1.45 18.36
CA CYS A 1553 4.17 1.92 18.49
C CYS A 1553 4.86 1.90 17.13
N ILE A 1554 5.37 3.06 16.70
CA ILE A 1554 5.94 3.24 15.37
C ILE A 1554 7.33 3.84 15.47
N ALA A 1555 8.24 3.37 14.62
CA ALA A 1555 9.61 3.87 14.58
C ALA A 1555 9.67 5.27 13.97
N ASP A 1556 10.76 5.99 14.26
CA ASP A 1556 10.92 7.34 13.72
C ASP A 1556 11.13 7.32 12.22
N LYS A 1557 11.68 6.22 11.69
CA LYS A 1557 11.92 6.13 10.25
C LYS A 1557 10.62 6.13 9.45
N SER A 1558 9.56 5.54 10.00
CA SER A 1558 8.34 5.35 9.22
C SER A 1558 7.60 6.65 8.99
N ILE A 1559 7.66 7.58 9.94
CA ILE A 1559 7.08 8.90 9.71
C ILE A 1559 7.84 9.62 8.60
N ALA A 1560 9.16 9.49 8.60
CA ALA A 1560 9.99 10.09 7.56
C ALA A 1560 9.80 9.42 6.20
N ASP A 1561 9.29 8.19 6.17
CA ASP A 1561 8.97 7.59 4.88
C ASP A 1561 7.59 7.97 4.37
N CYS A 1562 6.60 8.05 5.27
CA CYS A 1562 5.28 8.50 4.82
C CYS A 1562 5.30 9.94 4.37
N VAL A 1563 6.14 10.78 4.98
CA VAL A 1563 6.24 12.16 4.51
C VAL A 1563 6.73 12.22 3.06
N GLU A 1564 7.40 11.17 2.61
CA GLU A 1564 7.86 11.06 1.23
C GLU A 1564 6.78 10.49 0.32
N ALA A 1565 6.10 9.45 0.77
CA ALA A 1565 5.07 8.83 -0.06
C ALA A 1565 3.90 9.79 -0.31
N LEU A 1566 3.57 10.62 0.68
CA LEU A 1566 2.50 11.59 0.48
C LEU A 1566 2.85 12.59 -0.62
N LEU A 1567 4.11 13.03 -0.64
CA LEU A 1567 4.58 13.89 -1.73
C LEU A 1567 4.52 13.17 -3.06
N GLY A 1568 4.92 11.90 -3.08
CA GLY A 1568 4.86 11.13 -4.31
C GLY A 1568 3.45 11.06 -4.88
N CYS A 1569 2.45 10.88 -4.00
CA CYS A 1569 1.08 10.75 -4.49
C CYS A 1569 0.53 12.08 -4.98
N TYR A 1570 0.75 13.17 -4.22
CA TYR A 1570 0.30 14.47 -4.73
C TYR A 1570 0.99 14.81 -6.05
N LEU A 1571 2.26 14.47 -6.18
CA LEU A 1571 2.99 14.74 -7.41
C LEU A 1571 2.41 13.97 -8.60
N THR A 1572 2.35 12.65 -8.49
CA THR A 1572 1.91 11.84 -9.62
C THR A 1572 0.44 12.05 -9.98
N SER A 1573 -0.28 12.88 -9.24
CA SER A 1573 -1.68 13.15 -9.51
C SER A 1573 -1.93 14.57 -9.99
N CYS A 1574 -1.52 15.57 -9.22
CA CYS A 1574 -1.92 16.94 -9.51
C CYS A 1574 -0.85 17.76 -10.23
N GLY A 1575 0.31 17.18 -10.51
CA GLY A 1575 1.36 17.89 -11.20
C GLY A 1575 2.56 18.15 -10.30
N GLU A 1576 3.33 19.17 -10.68
CA GLU A 1576 4.48 19.59 -9.90
C GLU A 1576 4.31 20.96 -9.25
N ARG A 1577 3.13 21.56 -9.34
CA ARG A 1577 2.82 22.69 -8.49
C ARG A 1577 2.20 22.23 -7.17
N ALA A 1578 1.50 21.11 -7.19
CA ALA A 1578 0.87 20.60 -5.98
C ALA A 1578 1.89 20.03 -5.02
N ALA A 1579 2.86 19.27 -5.51
CA ALA A 1579 3.92 18.78 -4.64
C ALA A 1579 4.66 19.92 -3.97
N GLN A 1580 4.95 20.97 -4.73
CA GLN A 1580 5.66 22.11 -4.17
C GLN A 1580 4.80 22.82 -3.12
N LEU A 1581 3.51 23.00 -3.38
CA LEU A 1581 2.65 23.62 -2.36
C LEU A 1581 2.55 22.75 -1.11
N PHE A 1582 2.50 21.44 -1.27
CA PHE A 1582 2.47 20.54 -0.13
C PHE A 1582 3.71 20.69 0.74
N LEU A 1583 4.89 20.65 0.11
CA LEU A 1583 6.12 20.83 0.86
C LEU A 1583 6.14 22.20 1.54
N CYS A 1584 5.78 23.25 0.82
CA CYS A 1584 5.77 24.59 1.40
C CYS A 1584 4.83 24.68 2.59
N SER A 1585 3.78 23.85 2.60
CA SER A 1585 2.87 23.82 3.74
C SER A 1585 3.41 23.02 4.91
N LEU A 1586 4.20 21.97 4.66
CA LEU A 1586 4.87 21.29 5.77
C LEU A 1586 5.85 22.21 6.49
N GLY A 1587 6.61 22.99 5.73
CA GLY A 1587 7.63 23.85 6.31
C GLY A 1587 8.90 23.94 5.47
N LEU A 1588 9.14 22.92 4.64
CA LEU A 1588 10.28 22.92 3.72
C LEU A 1588 10.10 23.98 2.65
N LYS A 1589 10.87 25.06 2.72
CA LYS A 1589 10.74 26.10 1.72
C LYS A 1589 11.23 25.59 0.36
N VAL A 1590 10.32 25.51 -0.60
CA VAL A 1590 10.69 25.12 -1.95
C VAL A 1590 10.14 26.13 -2.97
N LEU A 1591 9.09 26.86 -2.59
CA LEU A 1591 8.41 27.70 -3.57
C LEU A 1591 9.15 28.98 -3.92
N PRO A 1592 9.67 29.77 -2.98
CA PRO A 1592 10.39 30.98 -3.43
C PRO A 1592 11.79 30.61 -3.92
N VAL A 1593 11.83 30.08 -5.14
CA VAL A 1593 13.07 29.63 -5.76
C VAL A 1593 13.70 30.78 -6.57
N THR A 1658 37.64 41.23 -25.17
CA THR A 1658 37.61 40.11 -26.09
C THR A 1658 36.85 38.95 -25.46
N LEU A 1659 35.66 38.65 -26.00
CA LEU A 1659 34.89 37.52 -25.54
C LEU A 1659 34.30 36.75 -26.71
N ASN A 1660 34.64 37.15 -27.93
CA ASN A 1660 34.15 36.50 -29.14
C ASN A 1660 35.31 35.87 -29.92
N HIS A 1661 36.38 35.52 -29.23
CA HIS A 1661 37.46 34.72 -29.81
C HIS A 1661 37.52 33.31 -29.26
N LEU A 1662 36.73 33.01 -28.21
CA LEU A 1662 36.60 31.64 -27.74
C LEU A 1662 35.13 31.29 -27.48
N ILE A 1663 34.19 32.08 -27.98
CA ILE A 1663 32.78 31.77 -27.91
C ILE A 1663 32.19 31.43 -29.27
N SER A 1664 32.88 31.75 -30.35
CA SER A 1664 32.40 31.54 -31.70
C SER A 1664 32.79 30.13 -32.17
N GLY A 1665 31.78 29.34 -32.50
CA GLY A 1665 31.95 27.94 -32.80
C GLY A 1665 30.89 27.14 -32.07
N PHE A 1666 30.25 27.79 -31.10
CA PHE A 1666 29.15 27.18 -30.36
C PHE A 1666 27.93 26.97 -31.24
N GLU A 1667 27.87 27.60 -32.41
CA GLU A 1667 26.73 27.39 -33.30
C GLU A 1667 26.69 25.95 -33.82
N ASN A 1668 27.85 25.36 -34.09
CA ASN A 1668 27.89 23.97 -34.52
C ASN A 1668 27.38 23.03 -33.43
N PHE A 1669 27.76 23.28 -32.19
CA PHE A 1669 27.30 22.43 -31.10
C PHE A 1669 25.81 22.61 -30.86
N GLU A 1670 25.34 23.85 -30.89
CA GLU A 1670 23.92 24.13 -30.74
C GLU A 1670 23.11 23.44 -31.83
N LYS A 1671 23.65 23.40 -33.05
CA LYS A 1671 22.98 22.66 -34.12
C LYS A 1671 23.05 21.17 -33.89
N LYS A 1672 24.12 20.70 -33.25
CA LYS A 1672 24.24 19.28 -32.93
C LYS A 1672 23.16 18.85 -31.93
N ILE A 1673 22.95 19.65 -30.89
CA ILE A 1673 21.96 19.29 -29.86
C ILE A 1673 20.54 19.74 -30.20
N ASN A 1674 20.38 20.58 -31.23
CA ASN A 1674 19.07 21.06 -31.69
C ASN A 1674 18.43 22.01 -30.68
N TYR A 1675 19.23 22.78 -29.95
CA TYR A 1675 18.72 23.80 -29.06
C TYR A 1675 19.50 25.09 -29.32
N ARG A 1676 18.79 26.22 -29.25
CA ARG A 1676 19.42 27.52 -29.39
C ARG A 1676 19.23 28.30 -28.09
N PHE A 1677 20.34 28.81 -27.56
CA PHE A 1677 20.34 29.43 -26.25
C PHE A 1677 19.86 30.88 -26.35
N LYS A 1678 18.85 31.22 -25.57
CA LYS A 1678 18.42 32.61 -25.48
C LYS A 1678 19.57 33.52 -25.07
N ASN A 1679 20.46 33.02 -24.21
CA ASN A 1679 21.68 33.73 -23.84
C ASN A 1679 22.84 32.74 -23.83
N LYS A 1680 23.84 32.99 -24.68
CA LYS A 1680 24.91 32.03 -24.90
C LYS A 1680 25.83 31.91 -23.69
N ALA A 1681 25.80 32.89 -22.79
CA ALA A 1681 26.70 32.90 -21.64
C ALA A 1681 26.61 31.62 -20.83
N TYR A 1682 25.41 31.04 -20.74
CA TYR A 1682 25.25 29.81 -19.95
C TYR A 1682 26.04 28.67 -20.55
N LEU A 1683 26.08 28.57 -21.89
CA LEU A 1683 26.93 27.58 -22.54
C LEU A 1683 28.40 27.80 -22.19
N LEU A 1684 28.81 29.06 -22.06
CA LEU A 1684 30.19 29.35 -21.67
C LEU A 1684 30.46 28.92 -20.24
N GLN A 1685 29.55 29.24 -19.31
CA GLN A 1685 29.71 28.80 -17.92
C GLN A 1685 29.79 27.29 -17.83
N ALA A 1686 29.00 26.58 -18.65
CA ALA A 1686 29.00 25.12 -18.60
C ALA A 1686 30.28 24.50 -19.16
N PHE A 1687 31.31 25.30 -19.49
CA PHE A 1687 32.50 24.78 -20.13
C PHE A 1687 33.82 25.35 -19.60
N THR A 1688 33.83 26.06 -18.48
CA THR A 1688 35.05 26.65 -17.96
C THR A 1688 35.29 26.24 -16.50
N HIS A 1689 36.54 25.87 -16.20
CA HIS A 1689 36.92 25.41 -14.87
C HIS A 1689 36.82 26.52 -13.84
N ALA A 1690 36.95 26.13 -12.57
CA ALA A 1690 37.15 27.05 -11.46
C ALA A 1690 38.62 27.23 -11.12
N SER A 1691 39.51 26.62 -11.91
CA SER A 1691 40.94 26.82 -11.79
C SER A 1691 41.57 27.36 -13.06
N TYR A 1692 40.92 27.12 -14.20
CA TYR A 1692 41.38 27.74 -15.48
C TYR A 1692 40.82 29.17 -15.43
N HIS A 1693 41.68 30.17 -15.24
CA HIS A 1693 41.17 31.56 -15.05
C HIS A 1693 41.35 32.43 -16.30
N TYR A 1694 41.67 31.82 -17.44
CA TYR A 1694 41.79 32.60 -18.70
C TYR A 1694 40.42 33.23 -18.98
N ASN A 1695 39.34 32.48 -18.74
CA ASN A 1695 37.98 33.04 -18.90
C ASN A 1695 37.55 33.63 -17.56
N THR A 1696 37.53 34.96 -17.43
CA THR A 1696 37.05 35.61 -16.19
C THR A 1696 35.65 36.19 -16.45
N ILE A 1697 35.20 36.14 -17.70
CA ILE A 1697 33.88 36.73 -18.07
C ILE A 1697 32.76 35.98 -17.34
N THR A 1698 32.86 34.66 -17.23
CA THR A 1698 31.74 33.85 -16.65
C THR A 1698 32.23 33.05 -15.44
N ASP A 1699 31.30 32.52 -14.64
CA ASP A 1699 31.66 31.77 -13.41
C ASP A 1699 32.06 30.30 -13.69
N CYS A 1700 32.41 29.55 -12.65
CA CYS A 1700 32.88 28.14 -12.78
C CYS A 1700 31.77 27.14 -13.13
N TYR A 1701 32.16 25.96 -13.66
CA TYR A 1701 31.19 24.91 -14.03
C TYR A 1701 30.89 24.04 -12.80
N GLN A 1702 31.02 24.62 -11.60
CA GLN A 1702 30.84 23.80 -10.37
C GLN A 1702 29.39 23.86 -9.86
N ARG A 1703 28.80 25.04 -9.76
CA ARG A 1703 27.38 25.13 -9.31
C ARG A 1703 26.48 24.37 -10.28
N LEU A 1704 26.74 24.42 -11.59
CA LEU A 1704 25.91 23.74 -12.64
C LEU A 1704 25.96 22.22 -12.51
N GLU A 1705 27.11 21.67 -12.16
CA GLU A 1705 27.18 20.20 -11.96
C GLU A 1705 26.22 19.81 -10.84
N PHE A 1706 26.08 20.64 -9.81
CA PHE A 1706 25.15 20.35 -8.69
C PHE A 1706 23.69 20.26 -9.17
N LEU A 1707 23.18 21.27 -9.91
CA LEU A 1707 21.76 21.28 -10.35
C LEU A 1707 21.53 20.14 -11.34
N GLY A 1708 22.46 19.94 -12.24
CA GLY A 1708 22.30 18.92 -13.28
C GLY A 1708 22.25 17.52 -12.77
N ASP A 1709 23.04 17.19 -11.75
CA ASP A 1709 22.97 15.82 -11.17
C ASP A 1709 21.59 15.61 -10.52
N ALA A 1710 21.05 16.61 -9.82
CA ALA A 1710 19.71 16.46 -9.24
C ALA A 1710 18.65 16.29 -10.34
N ILE A 1711 18.65 17.16 -11.37
CA ILE A 1711 17.60 17.13 -12.43
C ILE A 1711 17.66 15.82 -13.21
N LEU A 1712 18.84 15.41 -13.61
CA LEU A 1712 18.90 14.21 -14.47
C LEU A 1712 18.52 13.01 -13.62
N ASP A 1713 18.57 13.12 -12.30
CA ASP A 1713 18.03 12.05 -11.46
C ASP A 1713 16.52 12.13 -11.36
N TYR A 1714 15.98 13.34 -11.18
CA TYR A 1714 14.52 13.47 -11.12
C TYR A 1714 13.86 13.00 -12.42
N LEU A 1715 14.38 13.45 -13.56
CA LEU A 1715 13.75 13.09 -14.83
C LEU A 1715 13.84 11.60 -15.09
N ILE A 1716 14.98 10.99 -14.79
CA ILE A 1716 15.11 9.55 -14.99
C ILE A 1716 14.17 8.80 -14.06
N THR A 1717 13.99 9.28 -12.82
CA THR A 1717 13.07 8.61 -11.92
C THR A 1717 11.62 8.77 -12.33
N LYS A 1718 11.24 9.93 -12.86
CA LYS A 1718 9.86 10.10 -13.30
C LYS A 1718 9.57 9.21 -14.50
N HIS A 1719 10.50 9.15 -15.45
CA HIS A 1719 10.32 8.23 -16.57
C HIS A 1719 10.19 6.78 -16.08
N LEU A 1720 11.09 6.35 -15.19
CA LEU A 1720 11.04 4.97 -14.72
C LEU A 1720 9.76 4.68 -13.95
N TYR A 1721 9.23 5.68 -13.23
CA TYR A 1721 7.98 5.47 -12.50
C TYR A 1721 6.78 5.39 -13.44
N GLU A 1722 6.79 6.16 -14.52
CA GLU A 1722 5.65 6.17 -15.44
C GLU A 1722 5.59 4.94 -16.35
N ASP A 1723 6.45 3.96 -16.16
CA ASP A 1723 6.38 2.79 -17.03
C ASP A 1723 5.35 1.79 -16.52
N PRO A 1724 4.67 1.09 -17.42
CA PRO A 1724 3.73 0.03 -17.00
C PRO A 1724 4.39 -1.21 -16.45
N ARG A 1725 5.72 -1.28 -16.43
CA ARG A 1725 6.39 -2.49 -15.96
C ARG A 1725 6.36 -2.60 -14.44
N GLN A 1726 6.04 -1.51 -13.75
CA GLN A 1726 5.81 -1.53 -12.30
C GLN A 1726 7.00 -2.06 -11.51
N HIS A 1727 8.11 -1.34 -11.53
CA HIS A 1727 9.35 -1.81 -10.93
C HIS A 1727 9.31 -1.56 -9.43
N SER A 1728 9.75 -2.55 -8.66
CA SER A 1728 9.91 -2.36 -7.23
C SER A 1728 11.04 -1.36 -6.97
N PRO A 1729 10.99 -0.63 -5.86
CA PRO A 1729 12.02 0.39 -5.60
C PRO A 1729 13.44 -0.14 -5.67
N GLY A 1730 13.66 -1.42 -5.39
CA GLY A 1730 14.98 -1.99 -5.57
C GLY A 1730 15.46 -1.90 -7.01
N VAL A 1731 14.67 -2.43 -7.94
CA VAL A 1731 15.05 -2.38 -9.35
C VAL A 1731 15.09 -0.95 -9.84
N LEU A 1732 14.21 -0.09 -9.33
CA LEU A 1732 14.18 1.29 -9.79
C LEU A 1732 15.47 2.01 -9.43
N THR A 1733 15.93 1.86 -8.18
CA THR A 1733 17.17 2.51 -7.78
C THR A 1733 18.39 1.84 -8.40
N ASP A 1734 18.33 0.53 -8.64
CA ASP A 1734 19.41 -0.12 -9.37
C ASP A 1734 19.57 0.46 -10.76
N LEU A 1735 18.45 0.69 -11.47
CA LEU A 1735 18.50 1.34 -12.77
C LEU A 1735 19.03 2.77 -12.68
N ARG A 1736 18.45 3.56 -11.77
CA ARG A 1736 18.89 4.94 -11.60
C ARG A 1736 20.38 5.03 -11.37
N SER A 1737 20.94 4.13 -10.56
CA SER A 1737 22.39 4.15 -10.36
C SER A 1737 23.13 3.61 -11.58
N ALA A 1738 22.50 2.70 -12.32
CA ALA A 1738 23.14 2.13 -13.50
C ALA A 1738 23.38 3.16 -14.58
N LEU A 1739 22.50 4.16 -14.71
CA LEU A 1739 22.68 5.12 -15.78
C LEU A 1739 23.26 6.47 -15.34
N VAL A 1740 23.22 6.80 -14.05
CA VAL A 1740 23.79 8.08 -13.56
C VAL A 1740 25.24 7.92 -13.10
N ASN A 1741 25.79 6.70 -13.19
CA ASN A 1741 27.22 6.51 -12.93
C ASN A 1741 28.04 7.36 -13.90
N ASN A 1742 29.03 8.09 -13.37
CA ASN A 1742 29.73 9.11 -14.16
C ASN A 1742 30.55 8.53 -15.30
N THR A 1743 30.78 7.22 -15.34
CA THR A 1743 31.43 6.63 -16.49
C THR A 1743 30.56 6.76 -17.74
N ILE A 1744 29.27 6.46 -17.61
CA ILE A 1744 28.34 6.62 -18.72
C ILE A 1744 28.23 8.09 -19.13
N PHE A 1745 28.25 9.00 -18.16
CA PHE A 1745 28.19 10.41 -18.51
C PHE A 1745 29.42 10.84 -19.30
N ALA A 1746 30.59 10.31 -18.95
CA ALA A 1746 31.78 10.58 -19.74
C ALA A 1746 31.64 10.02 -21.15
N SER A 1747 31.16 8.78 -21.26
CA SER A 1747 31.01 8.16 -22.58
C SER A 1747 30.06 8.98 -23.46
N LEU A 1748 28.94 9.43 -22.90
CA LEU A 1748 27.97 10.17 -23.69
C LEU A 1748 28.38 11.61 -23.94
N ALA A 1749 29.29 12.16 -23.14
CA ALA A 1749 29.79 13.49 -23.46
C ALA A 1749 30.86 13.46 -24.53
N VAL A 1750 31.66 12.37 -24.59
CA VAL A 1750 32.67 12.29 -25.64
C VAL A 1750 32.08 11.77 -26.95
N LYS A 1751 31.01 10.97 -26.89
CA LYS A 1751 30.39 10.48 -28.11
C LYS A 1751 29.81 11.63 -28.93
N TYR A 1752 29.03 12.51 -28.29
CA TYR A 1752 28.41 13.64 -28.96
C TYR A 1752 29.26 14.90 -28.91
N ASP A 1753 30.58 14.76 -28.80
CA ASP A 1753 31.54 15.85 -29.02
C ASP A 1753 31.31 17.02 -28.06
N TYR A 1754 31.29 16.75 -26.76
CA TYR A 1754 31.26 17.87 -25.81
C TYR A 1754 32.65 18.44 -25.55
N HIS A 1755 33.70 17.62 -25.74
CA HIS A 1755 35.05 18.02 -25.34
C HIS A 1755 35.64 19.07 -26.28
N LYS A 1756 35.28 19.05 -27.56
CA LYS A 1756 35.90 19.94 -28.53
C LYS A 1756 35.63 21.41 -28.25
N TYR A 1757 34.63 21.71 -27.42
CA TYR A 1757 34.30 23.07 -27.06
C TYR A 1757 34.70 23.39 -25.62
N PHE A 1758 35.40 22.46 -24.97
CA PHE A 1758 35.62 22.50 -23.52
C PHE A 1758 37.02 23.02 -23.24
N LYS A 1759 37.09 24.25 -22.73
CA LYS A 1759 38.37 24.88 -22.44
C LYS A 1759 38.93 24.37 -21.12
N ALA A 1760 40.15 23.83 -21.16
CA ALA A 1760 40.77 23.31 -19.96
C ALA A 1760 42.27 23.20 -20.18
N VAL A 1761 43.00 22.97 -19.09
CA VAL A 1761 44.43 22.76 -19.11
C VAL A 1761 44.77 21.29 -18.80
N SER A 1762 43.80 20.42 -18.98
CA SER A 1762 44.05 18.98 -18.85
C SER A 1762 45.09 18.55 -19.88
N PRO A 1763 46.22 17.96 -19.45
CA PRO A 1763 47.30 17.68 -20.40
C PRO A 1763 47.01 16.53 -21.35
N GLU A 1764 46.62 15.37 -20.82
CA GLU A 1764 46.25 14.25 -21.68
C GLU A 1764 45.11 13.42 -21.10
N LEU A 1765 44.40 13.96 -20.11
CA LEU A 1765 43.46 13.15 -19.34
C LEU A 1765 42.37 12.51 -20.20
N PHE A 1766 41.53 13.33 -20.82
CA PHE A 1766 40.37 12.77 -21.53
C PHE A 1766 40.71 12.25 -22.92
N HIS A 1767 41.91 12.53 -23.44
CA HIS A 1767 42.22 12.12 -24.81
C HIS A 1767 42.32 10.61 -24.92
N VAL A 1768 42.90 9.97 -23.90
CA VAL A 1768 43.02 8.51 -23.90
C VAL A 1768 41.65 7.86 -23.89
N ILE A 1769 40.76 8.31 -23.00
CA ILE A 1769 39.43 7.71 -22.94
C ILE A 1769 38.63 8.03 -24.19
N ASP A 1770 38.84 9.21 -24.79
CA ASP A 1770 38.14 9.55 -26.02
C ASP A 1770 38.51 8.59 -27.15
N ASP A 1771 39.82 8.39 -27.36
CA ASP A 1771 40.25 7.45 -28.39
C ASP A 1771 39.79 6.04 -28.07
N PHE A 1772 39.88 5.64 -26.78
CA PHE A 1772 39.40 4.34 -26.34
C PHE A 1772 37.96 4.09 -26.75
N VAL A 1773 37.06 5.01 -26.39
CA VAL A 1773 35.64 4.77 -26.60
C VAL A 1773 35.28 4.91 -28.07
N GLN A 1774 35.90 5.88 -28.77
CA GLN A 1774 35.59 6.06 -30.18
C GLN A 1774 36.17 4.95 -31.04
N PHE A 1775 37.11 4.17 -30.51
CA PHE A 1775 37.59 3.00 -31.24
C PHE A 1775 36.82 1.73 -30.88
N GLN A 1776 36.59 1.47 -29.59
CA GLN A 1776 35.93 0.22 -29.22
C GLN A 1776 34.43 0.27 -29.49
N LEU A 1777 33.75 1.30 -28.98
CA LEU A 1777 32.32 1.46 -29.19
C LEU A 1777 32.09 2.11 -30.55
N GLU A 1778 31.62 1.32 -31.51
CA GLU A 1778 31.27 1.82 -32.83
C GLU A 1778 29.84 1.49 -33.22
N LYS A 1779 28.99 1.15 -32.25
CA LYS A 1779 27.61 0.80 -32.55
C LYS A 1779 26.65 1.78 -31.88
N GLU A 1799 34.43 -3.24 -17.08
CA GLU A 1799 34.09 -2.62 -18.39
C GLU A 1799 35.25 -1.75 -18.87
N GLU A 1800 35.48 -0.60 -18.23
CA GLU A 1800 36.51 0.36 -18.72
C GLU A 1800 37.93 -0.20 -18.62
N ASP A 1801 38.78 0.13 -19.60
CA ASP A 1801 40.21 -0.29 -19.54
C ASP A 1801 41.08 0.96 -19.43
N ILE A 1802 40.47 2.14 -19.32
CA ILE A 1802 41.21 3.44 -19.25
C ILE A 1802 40.66 4.25 -18.07
N GLU A 1803 41.41 5.26 -17.58
CA GLU A 1803 40.92 6.14 -16.48
C GLU A 1803 39.73 6.97 -16.97
N VAL A 1804 38.81 7.33 -16.06
CA VAL A 1804 37.63 8.19 -16.42
C VAL A 1804 37.89 9.62 -15.96
N PRO A 1805 37.82 10.62 -16.85
CA PRO A 1805 37.99 12.01 -16.44
C PRO A 1805 36.80 12.51 -15.62
N LYS A 1806 37.08 13.27 -14.56
CA LYS A 1806 36.00 13.89 -13.77
C LYS A 1806 35.30 14.90 -14.68
N ALA A 1807 36.05 15.62 -15.51
CA ALA A 1807 35.47 16.65 -16.38
C ALA A 1807 34.48 16.05 -17.39
N MET A 1808 34.85 14.97 -18.07
CA MET A 1808 33.93 14.43 -19.08
C MET A 1808 32.59 14.10 -18.46
N GLY A 1809 32.60 13.54 -17.25
CA GLY A 1809 31.35 13.24 -16.57
C GLY A 1809 30.61 14.47 -16.09
N ASP A 1810 31.34 15.54 -15.74
CA ASP A 1810 30.68 16.69 -15.15
C ASP A 1810 30.27 17.75 -16.16
N ILE A 1811 30.79 17.71 -17.39
CA ILE A 1811 30.26 18.63 -18.40
C ILE A 1811 28.96 18.09 -18.98
N PHE A 1812 28.86 16.77 -19.17
CA PHE A 1812 27.63 16.17 -19.68
C PHE A 1812 26.41 16.52 -18.86
N GLU A 1813 26.59 16.89 -17.59
CA GLU A 1813 25.47 17.19 -16.71
C GLU A 1813 25.50 18.62 -16.22
N SER A 1814 26.48 19.42 -16.61
CA SER A 1814 26.39 20.86 -16.45
C SER A 1814 25.68 21.50 -17.64
N LEU A 1815 25.67 20.84 -18.79
CA LEU A 1815 24.89 21.31 -19.92
C LEU A 1815 23.39 21.21 -19.63
N ALA A 1816 22.98 20.14 -18.95
CA ALA A 1816 21.58 20.00 -18.55
C ALA A 1816 21.16 21.13 -17.62
N GLY A 1817 21.99 21.42 -16.63
CA GLY A 1817 21.71 22.56 -15.76
C GLY A 1817 21.70 23.87 -16.52
N ALA A 1818 22.54 24.00 -17.55
CA ALA A 1818 22.59 25.24 -18.31
C ALA A 1818 21.31 25.45 -19.12
N ILE A 1819 20.87 24.40 -19.82
CA ILE A 1819 19.58 24.47 -20.51
C ILE A 1819 18.47 24.81 -19.52
N TYR A 1820 18.39 24.05 -18.42
CA TYR A 1820 17.32 24.26 -17.46
C TYR A 1820 17.28 25.71 -16.98
N MET A 1821 18.42 26.25 -16.55
CA MET A 1821 18.44 27.61 -16.03
C MET A 1821 18.27 28.65 -17.13
N ASP A 1822 18.56 28.31 -18.38
CA ASP A 1822 18.30 29.22 -19.49
C ASP A 1822 16.86 29.16 -19.97
N SER A 1823 16.30 27.95 -20.08
CA SER A 1823 14.95 27.77 -20.59
C SER A 1823 13.91 28.00 -19.50
N GLY A 1824 13.99 29.14 -18.82
CA GLY A 1824 13.00 29.54 -17.83
C GLY A 1824 12.63 28.47 -16.81
N MET A 1825 13.60 27.62 -16.44
CA MET A 1825 13.38 26.53 -15.50
C MET A 1825 12.30 25.58 -15.99
N SER A 1826 12.51 24.97 -17.16
CA SER A 1826 11.52 24.12 -17.81
C SER A 1826 12.11 22.71 -17.96
N LEU A 1827 11.52 21.75 -17.25
CA LEU A 1827 12.01 20.37 -17.34
C LEU A 1827 11.72 19.76 -18.70
N GLU A 1828 10.79 20.33 -19.46
CA GLU A 1828 10.34 19.71 -20.70
C GLU A 1828 11.30 19.96 -21.86
N THR A 1829 11.85 21.17 -21.95
CA THR A 1829 12.88 21.41 -22.96
C THR A 1829 14.13 20.58 -22.67
N VAL A 1830 14.49 20.46 -21.39
CA VAL A 1830 15.65 19.66 -21.01
C VAL A 1830 15.43 18.20 -21.39
N TRP A 1831 14.25 17.66 -21.07
CA TRP A 1831 13.99 16.27 -21.41
C TRP A 1831 13.87 16.07 -22.91
N GLN A 1832 13.33 17.07 -23.62
CA GLN A 1832 13.28 17.04 -25.08
C GLN A 1832 14.66 16.96 -25.69
N VAL A 1833 15.59 17.77 -25.19
CA VAL A 1833 16.94 17.79 -25.75
C VAL A 1833 17.70 16.52 -25.38
N TYR A 1834 17.51 16.03 -24.16
CA TYR A 1834 18.36 14.94 -23.68
C TYR A 1834 17.82 13.55 -23.98
N TYR A 1835 16.53 13.41 -24.28
CA TYR A 1835 15.92 12.11 -24.54
C TYR A 1835 16.39 11.44 -25.83
N PRO A 1836 16.66 12.18 -26.92
CA PRO A 1836 17.32 11.52 -28.07
C PRO A 1836 18.61 10.79 -27.70
N MET A 1837 19.51 11.44 -26.97
CA MET A 1837 20.75 10.78 -26.55
C MET A 1837 20.45 9.61 -25.64
N MET A 1838 19.66 9.84 -24.59
CA MET A 1838 19.48 8.86 -23.53
C MET A 1838 18.54 7.73 -23.91
N ARG A 1839 17.80 7.87 -25.01
CA ARG A 1839 16.75 6.90 -25.35
C ARG A 1839 17.31 5.52 -25.65
N PRO A 1840 18.26 5.34 -26.57
CA PRO A 1840 18.83 4.00 -26.75
C PRO A 1840 19.44 3.47 -25.47
N LEU A 1841 20.03 4.36 -24.68
CA LEU A 1841 20.64 3.97 -23.41
C LEU A 1841 19.57 3.45 -22.45
N ILE A 1842 18.46 4.18 -22.32
CA ILE A 1842 17.41 3.75 -21.40
C ILE A 1842 16.77 2.45 -21.87
N GLU A 1843 16.52 2.32 -23.17
CA GLU A 1843 15.90 1.10 -23.65
C GLU A 1843 16.88 -0.07 -23.76
N LYS A 1844 18.17 0.17 -23.55
CA LYS A 1844 19.12 -0.91 -23.32
C LYS A 1844 19.20 -1.29 -21.84
N PHE A 1845 19.17 -0.30 -20.96
CA PHE A 1845 19.40 -0.53 -19.53
C PHE A 1845 18.16 -1.00 -18.79
N SER A 1846 16.96 -0.56 -19.18
CA SER A 1846 15.75 -1.11 -18.58
C SER A 1846 15.54 -2.56 -18.96
N ALA A 1847 16.39 -3.11 -19.83
CA ALA A 1847 16.40 -4.52 -20.15
C ALA A 1847 17.66 -5.24 -19.73
N ASN A 1848 18.75 -4.50 -19.49
CA ASN A 1848 20.01 -5.12 -19.09
C ASN A 1848 20.39 -4.82 -17.65
N VAL A 1849 19.77 -3.81 -17.04
CA VAL A 1849 19.83 -3.54 -15.61
C VAL A 1849 21.24 -3.72 -15.06
N PRO A 1850 22.19 -2.85 -15.40
CA PRO A 1850 23.58 -3.06 -15.00
C PRO A 1850 23.81 -2.84 -13.50
N ARG A 1851 25.00 -3.24 -13.07
CA ARG A 1851 25.42 -3.11 -11.68
C ARG A 1851 26.93 -3.09 -11.61
N SER A 1852 27.45 -2.60 -10.48
CA SER A 1852 28.88 -2.31 -10.34
C SER A 1852 29.67 -3.59 -10.15
N PRO A 1853 30.91 -3.65 -10.66
CA PRO A 1853 31.68 -4.91 -10.55
C PRO A 1853 32.03 -5.29 -9.14
N VAL A 1854 32.17 -4.32 -8.22
CA VAL A 1854 32.50 -4.65 -6.83
C VAL A 1854 31.33 -5.36 -6.18
N ARG A 1855 30.13 -4.81 -6.30
CA ARG A 1855 28.98 -5.44 -5.70
C ARG A 1855 28.70 -6.80 -6.32
N GLU A 1856 28.81 -6.90 -7.65
CA GLU A 1856 28.57 -8.19 -8.28
C GLU A 1856 29.63 -9.20 -7.90
N LEU A 1857 30.86 -8.77 -7.61
CA LEU A 1857 31.88 -9.67 -7.11
C LEU A 1857 31.52 -10.17 -5.72
N LEU A 1858 31.17 -9.25 -4.82
CA LEU A 1858 30.74 -9.64 -3.48
C LEU A 1858 29.41 -10.37 -3.47
N GLU A 1859 28.70 -10.44 -4.60
CA GLU A 1859 27.53 -11.31 -4.70
C GLU A 1859 27.87 -12.65 -5.32
N MET A 1860 28.97 -12.74 -6.08
CA MET A 1860 29.43 -14.03 -6.56
C MET A 1860 29.98 -14.88 -5.42
N GLU A 1861 30.74 -14.27 -4.52
CA GLU A 1861 31.21 -14.94 -3.31
C GLU A 1861 31.53 -13.92 -2.22
N PRO A 1862 30.62 -13.69 -1.27
CA PRO A 1862 30.90 -12.76 -0.18
C PRO A 1862 31.65 -13.36 0.99
N GLU A 1863 31.85 -14.69 1.00
CA GLU A 1863 32.44 -15.34 2.16
C GLU A 1863 33.93 -15.04 2.27
N THR A 1864 34.66 -15.14 1.16
CA THR A 1864 36.10 -14.99 1.17
C THR A 1864 36.59 -13.73 0.49
N ALA A 1865 35.69 -12.89 0.00
CA ALA A 1865 36.07 -11.66 -0.69
C ALA A 1865 36.15 -10.51 0.31
N LYS A 1866 37.33 -9.89 0.41
CA LYS A 1866 37.50 -8.66 1.17
C LYS A 1866 38.68 -7.89 0.61
N PHE A 1867 38.64 -6.57 0.75
CA PHE A 1867 39.63 -5.70 0.17
C PHE A 1867 40.69 -5.36 1.20
N SER A 1868 41.95 -5.52 0.83
CA SER A 1868 43.04 -5.22 1.73
C SER A 1868 43.21 -3.70 1.85
N PRO A 1869 43.59 -3.20 3.03
CA PRO A 1869 43.80 -1.76 3.20
C PRO A 1869 44.82 -1.20 2.21
N ALA A 1870 44.74 0.11 1.99
CA ALA A 1870 45.58 0.77 1.00
C ALA A 1870 47.05 0.69 1.39
N GLU A 1871 47.91 0.64 0.39
CA GLU A 1871 49.35 0.61 0.61
C GLU A 1871 50.04 1.10 -0.66
N ARG A 1872 50.88 2.12 -0.50
CA ARG A 1872 51.52 2.71 -1.68
C ARG A 1872 52.66 1.82 -2.15
N THR A 1873 52.68 1.54 -3.45
CA THR A 1873 53.74 0.74 -4.05
C THR A 1873 54.92 1.63 -4.44
N TYR A 1874 55.84 1.06 -5.22
CA TYR A 1874 57.01 1.79 -5.69
C TYR A 1874 56.75 2.56 -6.97
N ASP A 1875 55.53 2.51 -7.50
CA ASP A 1875 55.17 3.29 -8.68
C ASP A 1875 54.72 4.70 -8.34
N GLY A 1876 54.33 4.95 -7.09
CA GLY A 1876 53.62 6.16 -6.73
C GLY A 1876 52.12 6.03 -6.72
N LYS A 1877 51.60 4.80 -6.70
CA LYS A 1877 50.18 4.52 -6.79
C LYS A 1877 49.65 4.04 -5.44
N VAL A 1878 48.38 3.66 -5.42
CA VAL A 1878 47.78 2.92 -4.32
C VAL A 1878 47.32 1.57 -4.87
N ARG A 1879 47.62 0.50 -4.13
CA ARG A 1879 47.29 -0.86 -4.54
C ARG A 1879 46.33 -1.49 -3.53
N VAL A 1880 45.55 -2.46 -4.03
CA VAL A 1880 44.61 -3.22 -3.21
C VAL A 1880 44.78 -4.70 -3.54
N THR A 1881 44.87 -5.52 -2.50
CA THR A 1881 45.04 -6.96 -2.67
C THR A 1881 43.71 -7.65 -2.40
N VAL A 1882 43.23 -8.42 -3.38
CA VAL A 1882 41.92 -9.06 -3.32
C VAL A 1882 42.10 -10.54 -3.61
N GLU A 1883 41.34 -11.38 -2.91
CA GLU A 1883 41.39 -12.81 -3.17
C GLU A 1883 39.99 -13.42 -3.06
N VAL A 1884 39.70 -14.32 -3.99
CA VAL A 1884 38.77 -15.41 -3.75
C VAL A 1884 39.54 -16.69 -3.99
N VAL A 1885 39.11 -17.76 -3.32
CA VAL A 1885 39.90 -18.97 -3.27
C VAL A 1885 39.89 -19.66 -4.63
N GLY A 1886 41.07 -20.17 -5.03
CA GLY A 1886 41.19 -21.04 -6.18
C GLY A 1886 41.70 -20.39 -7.44
N LYS A 1887 41.65 -19.07 -7.56
CA LYS A 1887 42.07 -18.38 -8.78
C LYS A 1887 43.20 -17.38 -8.56
N GLY A 1888 43.87 -17.41 -7.41
CA GLY A 1888 44.98 -16.54 -7.12
C GLY A 1888 44.58 -15.14 -6.68
N LYS A 1889 45.58 -14.27 -6.59
CA LYS A 1889 45.43 -12.95 -6.01
C LYS A 1889 45.35 -11.90 -7.10
N PHE A 1890 44.57 -10.85 -6.84
CA PHE A 1890 44.26 -9.84 -7.84
C PHE A 1890 44.50 -8.46 -7.26
N LYS A 1891 44.84 -7.51 -8.14
CA LYS A 1891 45.27 -6.20 -7.70
C LYS A 1891 45.17 -5.24 -8.86
N GLY A 1892 45.14 -3.95 -8.52
CA GLY A 1892 45.15 -2.90 -9.53
C GLY A 1892 45.57 -1.59 -8.92
N VAL A 1893 46.55 -0.92 -9.52
CA VAL A 1893 47.02 0.35 -8.98
C VAL A 1893 46.09 1.46 -9.41
N GLY A 1894 46.00 2.50 -8.58
CA GLY A 1894 45.19 3.63 -8.91
C GLY A 1894 45.64 4.86 -8.14
N ARG A 1895 44.85 5.92 -8.26
CA ARG A 1895 45.10 7.18 -7.58
C ARG A 1895 44.31 7.32 -6.29
N SER A 1896 43.45 6.35 -5.97
CA SER A 1896 42.66 6.39 -4.75
C SER A 1896 42.24 4.96 -4.41
N TYR A 1897 41.68 4.80 -3.21
CA TYR A 1897 41.31 3.47 -2.76
C TYR A 1897 40.10 2.94 -3.51
N ARG A 1898 39.10 3.80 -3.74
CA ARG A 1898 37.90 3.39 -4.45
C ARG A 1898 38.23 2.86 -5.84
N ILE A 1899 38.99 3.63 -6.62
CA ILE A 1899 39.33 3.26 -7.98
C ILE A 1899 40.18 2.00 -7.99
N ALA A 1900 41.09 1.87 -7.01
CA ALA A 1900 41.95 0.69 -6.94
C ALA A 1900 41.13 -0.57 -6.69
N LYS A 1901 40.23 -0.54 -5.71
CA LYS A 1901 39.42 -1.72 -5.46
C LYS A 1901 38.45 -2.00 -6.62
N SER A 1902 37.98 -0.96 -7.30
CA SER A 1902 37.13 -1.17 -8.47
C SER A 1902 37.89 -1.92 -9.56
N ALA A 1903 39.12 -1.49 -9.84
CA ALA A 1903 39.95 -2.17 -10.84
C ALA A 1903 40.23 -3.61 -10.41
N ALA A 1904 40.53 -3.82 -9.13
CA ALA A 1904 40.79 -5.19 -8.66
C ALA A 1904 39.54 -6.06 -8.79
N ALA A 1905 38.38 -5.50 -8.47
CA ALA A 1905 37.13 -6.24 -8.62
C ALA A 1905 36.85 -6.60 -10.06
N ARG A 1906 37.10 -5.68 -11.00
CA ARG A 1906 36.94 -6.00 -12.40
C ARG A 1906 37.88 -7.13 -12.83
N ARG A 1907 39.14 -7.04 -12.41
CA ARG A 1907 40.10 -8.09 -12.72
C ARG A 1907 39.63 -9.44 -12.20
N ALA A 1908 39.08 -9.46 -10.98
CA ALA A 1908 38.62 -10.71 -10.40
C ALA A 1908 37.38 -11.23 -11.12
N LEU A 1909 36.46 -10.33 -11.49
CA LEU A 1909 35.18 -10.75 -12.05
C LEU A 1909 35.31 -11.21 -13.49
N ARG A 1910 36.32 -10.72 -14.21
CA ARG A 1910 36.53 -11.22 -15.57
C ARG A 1910 36.89 -12.69 -15.57
N SER A 1911 37.62 -13.15 -14.56
CA SER A 1911 38.05 -14.55 -14.51
C SER A 1911 36.89 -15.49 -14.17
N LEU A 1912 35.90 -15.01 -13.42
CA LEU A 1912 34.81 -15.87 -12.96
C LEU A 1912 33.82 -16.18 -14.09
#